data_3UJR
#
_entry.id   3UJR
#
_cell.length_a   110.557
_cell.length_b   119.819
_cell.length_c   68.140
_cell.angle_alpha   90.00
_cell.angle_beta   90.00
_cell.angle_gamma   90.00
#
_symmetry.space_group_name_H-M   'P 21 21 2'
#
loop_
_entity.id
_entity.type
_entity.pdbx_description
1 polymer Gamma-enolase
2 non-polymer 'MAGNESIUM ION'
3 non-polymer '2-PHOSPHOGLYCERIC ACID'
4 non-polymer 2-AMINO-2-HYDROXYMETHYL-PROPANE-1,3-DIOL
5 non-polymer PHOSPHOENOLPYRUVATE
6 water water
#
_entity_poly.entity_id   1
_entity_poly.type   'polypeptide(L)'
_entity_poly.pdbx_seq_one_letter_code
;SIEKIWAREILDSRGNPTVEVDLYTAKGLFRAAVPSGASTGIYEALELRDGDKQRYLGKGVLKAVDHINSTIAPALISSG
LSVVEQEKLDNLMLELDGTENKSKFGANAILGVSLAVCKAGAAERELPLYRHIAQLAGNSDLILPVPAFNVINGGSHAGN
KLAMQEFMILPVGAESFRDAMRLGAEVYHTLKGVIKDKYGKDATNVGDEGGFAPNILENSEALELVKEAIDKAGYTEKIV
IGMDVAASEFYRDGKYDLDFKSPTDPSRYITGDQLGALYQDFVRDYPVVSIEDPFDQDDWAAWSKFTANVGIQIVGDDLT
VTNPKRIERAVEEKACNCLLLKVNQIGSVTEAIQACKLAQENGWGVMVSHRSGETEDTFIADLVVGLCTGQIKTGAPCRS
ERLAKYNQLMRIEEELGDEARFAGHNFRNPSVLHHHHHHHHHH
;
_entity_poly.pdbx_strand_id   A,B
#
loop_
_chem_comp.id
_chem_comp.type
_chem_comp.name
_chem_comp.formula
2PG non-polymer '2-PHOSPHOGLYCERIC ACID' 'C3 H7 O7 P'
MG non-polymer 'MAGNESIUM ION' 'Mg 2'
PEP non-polymer PHOSPHOENOLPYRUVATE 'C3 H5 O6 P'
TRS non-polymer 2-AMINO-2-HYDROXYMETHYL-PROPANE-1,3-DIOL 'C4 H12 N O3 1'
#
# COMPACT_ATOMS: atom_id res chain seq x y z
N SER A 1 20.46 -20.26 17.28
CA SER A 1 21.22 -19.20 16.58
C SER A 1 20.72 -19.06 15.13
N ILE A 2 21.41 -18.22 14.33
CA ILE A 2 21.03 -18.00 12.94
C ILE A 2 21.44 -19.21 12.13
N GLU A 3 20.47 -19.80 11.45
CA GLU A 3 20.69 -20.89 10.49
C GLU A 3 21.10 -20.45 9.07
N LYS A 4 20.41 -19.45 8.53
CA LYS A 4 20.68 -18.97 7.20
C LYS A 4 20.11 -17.56 7.12
N ILE A 5 20.73 -16.72 6.30
CA ILE A 5 20.18 -15.39 5.92
C ILE A 5 20.15 -15.26 4.44
N TRP A 6 19.06 -14.70 3.92
CA TRP A 6 19.02 -14.37 2.51
C TRP A 6 18.26 -13.11 2.18
N ALA A 7 18.92 -12.17 1.54
CA ALA A 7 18.40 -10.85 1.22
C ALA A 7 18.05 -10.78 -0.28
N ARG A 8 17.09 -9.92 -0.62
CA ARG A 8 16.71 -9.76 -2.01
C ARG A 8 16.28 -8.31 -2.19
N GLU A 9 16.11 -7.92 -3.44
CA GLU A 9 15.54 -6.69 -3.87
C GLU A 9 13.98 -6.87 -3.91
N ILE A 10 13.26 -5.94 -3.33
CA ILE A 10 11.79 -5.85 -3.54
C ILE A 10 11.49 -4.42 -3.95
N LEU A 11 10.22 -4.10 -4.24
CA LEU A 11 9.88 -2.70 -4.61
C LEU A 11 9.13 -1.98 -3.50
N ASP A 12 9.46 -0.71 -3.27
CA ASP A 12 8.82 0.03 -2.19
C ASP A 12 7.56 0.73 -2.74
N SER A 13 6.87 1.52 -1.92
CA SER A 13 5.58 2.02 -2.33
C SER A 13 5.59 3.03 -3.45
N ARG A 14 6.77 3.56 -3.82
CA ARG A 14 6.92 4.42 -4.97
C ARG A 14 7.49 3.61 -6.14
N GLY A 15 7.65 2.30 -6.06
CA GLY A 15 8.18 1.52 -7.15
C GLY A 15 9.68 1.57 -7.28
N ASN A 16 10.38 1.84 -6.17
CA ASN A 16 11.85 1.88 -6.14
C ASN A 16 12.40 0.66 -5.42
N PRO A 17 13.55 0.14 -5.87
CA PRO A 17 14.08 -1.04 -5.14
C PRO A 17 14.41 -0.75 -3.69
N THR A 18 14.21 -1.74 -2.84
CA THR A 18 14.69 -1.69 -1.51
C THR A 18 15.05 -3.07 -1.00
N VAL A 19 15.67 -3.06 0.15
CA VAL A 19 16.19 -4.23 0.78
C VAL A 19 15.14 -5.02 1.57
N GLU A 20 15.03 -6.31 1.28
CA GLU A 20 14.35 -7.27 2.14
C GLU A 20 15.21 -8.46 2.63
N VAL A 21 15.17 -8.80 3.91
CA VAL A 21 15.96 -9.86 4.46
C VAL A 21 15.07 -11.01 4.99
N ASP A 22 15.41 -12.23 4.62
CA ASP A 22 14.89 -13.40 5.20
C ASP A 22 15.91 -14.00 6.16
N LEU A 23 15.53 -14.30 7.39
CA LEU A 23 16.47 -14.87 8.35
C LEU A 23 15.82 -16.10 8.93
N TYR A 24 16.57 -17.19 8.95
CA TYR A 24 16.05 -18.46 9.43
C TYR A 24 16.70 -18.94 10.72
N THR A 25 15.82 -19.46 11.58
CA THR A 25 16.22 -20.13 12.80
C THR A 25 15.47 -21.43 12.88
N ALA A 26 15.67 -22.14 13.98
CA ALA A 26 14.96 -23.38 14.17
C ALA A 26 13.49 -23.10 14.37
N LYS A 27 13.09 -21.87 14.66
CA LYS A 27 11.68 -21.51 14.72
C LYS A 27 11.04 -21.26 13.34
N GLY A 28 11.85 -20.97 12.33
CA GLY A 28 11.24 -20.71 11.06
C GLY A 28 11.84 -19.52 10.38
N LEU A 29 11.02 -18.87 9.57
CA LEU A 29 11.42 -17.85 8.64
C LEU A 29 10.90 -16.51 9.12
N PHE A 30 11.80 -15.52 9.26
CA PHE A 30 11.50 -14.15 9.69
C PHE A 30 11.96 -13.15 8.66
N ARG A 31 11.08 -12.22 8.32
CA ARG A 31 11.27 -11.41 7.12
C ARG A 31 11.05 -9.99 7.47
N ALA A 32 11.92 -9.11 6.97
CA ALA A 32 11.77 -7.66 7.18
C ALA A 32 12.23 -6.91 5.99
N ALA A 33 11.67 -5.73 5.77
CA ALA A 33 12.09 -4.80 4.71
C ALA A 33 12.39 -3.38 5.17
N VAL A 34 13.18 -2.73 4.35
CA VAL A 34 13.74 -1.44 4.72
C VAL A 34 13.08 -0.30 3.95
N PRO A 35 12.72 0.79 4.64
CA PRO A 35 12.04 1.85 3.92
C PRO A 35 13.02 2.86 3.36
N SER A 36 12.54 3.91 2.69
CA SER A 36 13.39 4.85 1.98
C SER A 36 12.78 6.24 1.93
N GLY A 37 13.56 7.25 2.31
CA GLY A 37 13.09 8.66 2.31
C GLY A 37 13.20 9.35 0.97
N ALA A 38 12.46 10.46 0.82
CA ALA A 38 12.62 11.32 -0.32
C ALA A 38 13.22 12.60 0.22
N SER A 39 12.67 13.15 1.32
CA SER A 39 13.23 14.39 1.77
C SER A 39 14.23 13.98 2.84
N THR A 40 15.41 13.62 2.39
CA THR A 40 16.37 12.93 3.29
C THR A 40 17.39 13.92 3.83
N GLY A 41 17.61 13.90 5.14
CA GLY A 41 18.51 14.89 5.74
C GLY A 41 19.94 14.58 5.30
N ILE A 42 20.77 15.59 5.27
CA ILE A 42 22.16 15.35 4.91
C ILE A 42 22.93 14.46 5.91
N TYR A 43 22.47 14.40 7.17
CA TYR A 43 23.15 13.63 8.24
C TYR A 43 22.66 12.20 8.46
N GLU A 44 21.66 11.75 7.69
CA GLU A 44 21.20 10.36 7.77
C GLU A 44 22.31 9.37 7.41
N ALA A 45 22.26 8.18 8.00
CA ALA A 45 23.18 7.10 7.65
C ALA A 45 23.03 6.77 6.13
N LEU A 46 24.07 6.20 5.54
CA LEU A 46 24.09 6.07 4.10
C LEU A 46 23.15 5.04 3.57
N GLU A 47 22.26 5.48 2.67
CA GLU A 47 21.38 4.53 1.96
C GLU A 47 22.19 4.13 0.71
N LEU A 48 22.74 2.92 0.69
CA LEU A 48 23.56 2.48 -0.47
C LEU A 48 22.67 2.10 -1.64
N ARG A 49 22.88 2.80 -2.75
CA ARG A 49 22.24 2.55 -4.10
C ARG A 49 23.34 2.06 -5.07
N ASP A 50 22.98 1.26 -6.08
CA ASP A 50 23.98 0.69 -6.99
C ASP A 50 24.61 1.71 -7.93
N GLY A 51 23.83 2.72 -8.35
CA GLY A 51 24.24 3.69 -9.37
C GLY A 51 24.37 3.18 -10.82
N ASP A 52 23.75 2.05 -11.12
CA ASP A 52 23.75 1.54 -12.50
C ASP A 52 22.57 2.17 -13.26
N LYS A 53 22.87 3.11 -14.16
CA LYS A 53 21.85 3.79 -14.98
C LYS A 53 21.12 2.89 -15.98
N GLN A 54 21.59 1.66 -16.18
CA GLN A 54 20.81 0.73 -17.01
C GLN A 54 19.95 -0.22 -16.18
N ARG A 55 19.69 0.19 -14.94
CA ARG A 55 18.88 -0.61 -14.06
C ARG A 55 18.15 0.26 -13.04
N TYR A 56 16.83 0.32 -13.12
CA TYR A 56 16.03 1.12 -12.14
C TYR A 56 16.45 2.58 -11.95
N LEU A 57 16.83 3.21 -13.07
CA LEU A 57 17.42 4.55 -13.18
C LEU A 57 18.48 4.90 -12.07
N GLY A 58 19.39 3.95 -11.79
CA GLY A 58 20.42 4.12 -10.71
C GLY A 58 20.10 3.57 -9.32
N LYS A 59 18.85 3.12 -9.14
CA LYS A 59 18.29 2.92 -7.77
C LYS A 59 18.31 1.53 -7.26
N GLY A 60 18.98 0.64 -7.98
CA GLY A 60 19.06 -0.73 -7.51
C GLY A 60 19.75 -0.84 -6.15
N VAL A 61 19.51 -1.94 -5.45
CA VAL A 61 20.14 -2.22 -4.16
C VAL A 61 20.78 -3.61 -4.12
N LEU A 62 21.26 -4.01 -5.29
CA LEU A 62 22.07 -5.26 -5.43
C LEU A 62 23.35 -5.26 -4.58
N LYS A 63 24.07 -4.14 -4.56
CA LYS A 63 25.24 -4.03 -3.67
C LYS A 63 24.93 -4.28 -2.19
N ALA A 64 23.89 -3.64 -1.65
CA ALA A 64 23.52 -3.90 -0.25
C ALA A 64 23.11 -5.32 -0.06
N VAL A 65 22.25 -5.84 -0.97
CA VAL A 65 21.88 -7.27 -0.87
C VAL A 65 23.15 -8.15 -0.80
N ASP A 66 24.18 -7.86 -1.60
CA ASP A 66 25.31 -8.80 -1.68
C ASP A 66 26.10 -8.65 -0.36
N HIS A 67 26.24 -7.41 0.14
CA HIS A 67 26.85 -7.22 1.46
C HIS A 67 26.22 -8.16 2.53
N ILE A 68 24.90 -8.16 2.53
CA ILE A 68 24.20 -8.98 3.50
C ILE A 68 24.50 -10.47 3.21
N ASN A 69 24.25 -10.90 1.96
CA ASN A 69 24.35 -12.35 1.69
C ASN A 69 25.73 -12.92 1.83
N SER A 70 26.73 -12.20 1.33
CA SER A 70 28.12 -12.80 1.22
C SER A 70 28.99 -12.43 2.43
N THR A 71 28.66 -11.38 3.17
CA THR A 71 29.58 -10.91 4.24
C THR A 71 28.89 -10.80 5.61
N ILE A 72 27.77 -10.06 5.73
CA ILE A 72 27.08 -10.03 7.02
C ILE A 72 26.55 -11.35 7.51
N ALA A 73 25.93 -12.11 6.63
CA ALA A 73 25.32 -13.40 6.98
C ALA A 73 26.34 -14.43 7.59
N PRO A 74 27.50 -14.65 6.91
CA PRO A 74 28.38 -15.65 7.57
C PRO A 74 28.91 -15.10 8.89
N ALA A 75 29.15 -13.79 9.01
CA ALA A 75 29.62 -13.17 10.29
C ALA A 75 28.70 -13.49 11.46
N LEU A 76 27.36 -13.43 11.20
CA LEU A 76 26.39 -13.64 12.28
C LEU A 76 26.14 -15.12 12.56
N ILE A 77 26.19 -15.97 11.54
CA ILE A 77 26.12 -17.43 11.77
C ILE A 77 27.37 -17.79 12.62
N SER A 78 28.53 -17.27 12.20
CA SER A 78 29.78 -17.63 12.85
C SER A 78 29.73 -17.29 14.34
N SER A 79 29.14 -16.15 14.67
CA SER A 79 29.04 -15.64 16.03
C SER A 79 28.38 -16.60 17.00
N GLY A 80 27.49 -17.43 16.47
CA GLY A 80 26.70 -18.38 17.24
C GLY A 80 25.72 -17.78 18.23
N LEU A 81 25.64 -16.46 18.28
CA LEU A 81 24.70 -15.81 19.13
C LEU A 81 23.22 -16.12 18.86
N SER A 82 22.48 -16.30 19.96
CA SER A 82 21.01 -16.31 19.88
C SER A 82 20.47 -15.00 19.30
N VAL A 83 19.46 -15.14 18.44
CA VAL A 83 18.76 -13.97 17.85
C VAL A 83 18.11 -13.09 18.93
N VAL A 84 17.93 -13.62 20.16
CA VAL A 84 17.46 -12.76 21.25
C VAL A 84 18.47 -11.66 21.61
N GLU A 85 19.72 -11.86 21.21
CA GLU A 85 20.80 -10.92 21.52
C GLU A 85 20.95 -9.78 20.53
N GLN A 86 19.91 -8.95 20.44
CA GLN A 86 19.79 -7.81 19.51
C GLN A 86 21.02 -6.89 19.53
N GLU A 87 21.40 -6.47 20.77
CA GLU A 87 22.50 -5.59 20.91
C GLU A 87 23.85 -6.19 20.43
N LYS A 88 24.13 -7.45 20.83
CA LYS A 88 25.41 -8.05 20.43
C LYS A 88 25.49 -8.15 18.91
N LEU A 89 24.40 -8.58 18.30
CA LEU A 89 24.32 -8.79 16.84
C LEU A 89 24.43 -7.50 16.01
N ASP A 90 23.71 -6.49 16.46
CA ASP A 90 23.90 -5.21 15.92
C ASP A 90 25.29 -4.73 16.10
N ASN A 91 25.86 -4.92 17.26
CA ASN A 91 27.23 -4.41 17.40
C ASN A 91 28.21 -5.10 16.45
N LEU A 92 28.07 -6.41 16.26
CA LEU A 92 28.90 -7.14 15.30
C LEU A 92 28.80 -6.53 13.92
N MET A 93 27.60 -6.17 13.45
CA MET A 93 27.52 -5.42 12.16
C MET A 93 28.09 -4.03 12.23
N LEU A 94 27.89 -3.32 13.31
CA LEU A 94 28.38 -1.94 13.29
C LEU A 94 29.90 -1.96 13.20
N GLU A 95 30.52 -2.87 13.93
CA GLU A 95 31.98 -2.93 13.92
C GLU A 95 32.50 -3.45 12.60
N LEU A 96 31.78 -4.37 11.99
CA LEU A 96 32.23 -5.00 10.70
C LEU A 96 32.15 -4.03 9.53
N ASP A 97 31.15 -3.14 9.53
CA ASP A 97 31.10 -2.05 8.60
C ASP A 97 32.26 -1.08 8.97
N GLY A 98 32.32 -0.71 10.24
CA GLY A 98 33.45 0.06 10.77
C GLY A 98 33.56 1.49 10.35
N THR A 99 32.49 2.07 9.82
CA THR A 99 32.46 3.48 9.44
C THR A 99 31.38 4.17 10.32
N GLU A 100 31.51 5.49 10.51
CA GLU A 100 30.52 6.26 11.26
C GLU A 100 29.10 6.25 10.64
N ASN A 101 29.01 6.47 9.35
CA ASN A 101 27.69 6.55 8.78
C ASN A 101 27.27 5.27 8.01
N LYS A 102 27.88 4.13 8.27
CA LYS A 102 27.49 2.86 7.64
C LYS A 102 27.69 2.94 6.13
N SER A 103 28.80 3.54 5.71
CA SER A 103 29.01 3.78 4.29
C SER A 103 29.71 2.61 3.58
N LYS A 104 30.16 1.58 4.34
CA LYS A 104 30.75 0.35 3.67
C LYS A 104 29.64 -0.60 3.16
N PHE A 105 28.71 -0.94 4.03
CA PHE A 105 27.69 -1.89 3.64
C PHE A 105 26.39 -1.16 3.31
N GLY A 106 26.22 0.06 3.86
CA GLY A 106 24.96 0.79 3.66
C GLY A 106 24.12 0.54 4.94
N ALA A 107 23.45 1.59 5.38
CA ALA A 107 22.52 1.51 6.50
C ALA A 107 21.35 0.59 6.14
N ASN A 108 21.04 0.55 4.86
CA ASN A 108 19.98 -0.32 4.43
C ASN A 108 20.27 -1.79 4.50
N ALA A 109 21.55 -2.14 4.37
CA ALA A 109 21.96 -3.54 4.51
C ALA A 109 21.85 -3.88 5.98
N ILE A 110 22.47 -3.05 6.81
CA ILE A 110 22.56 -3.32 8.24
C ILE A 110 21.14 -3.40 8.85
N LEU A 111 20.33 -2.42 8.51
CA LEU A 111 18.99 -2.31 9.13
C LEU A 111 18.08 -3.50 8.72
N GLY A 112 18.22 -3.94 7.46
CA GLY A 112 17.38 -5.03 7.01
C GLY A 112 17.67 -6.27 7.85
N VAL A 113 18.94 -6.57 8.12
CA VAL A 113 19.28 -7.69 9.00
C VAL A 113 18.87 -7.45 10.45
N SER A 114 19.13 -6.24 10.93
CA SER A 114 18.75 -5.82 12.31
C SER A 114 17.28 -6.10 12.63
N LEU A 115 16.40 -5.71 11.71
CA LEU A 115 14.95 -5.95 11.88
C LEU A 115 14.61 -7.40 11.82
N ALA A 116 15.19 -8.15 10.89
CA ALA A 116 14.86 -9.58 10.87
C ALA A 116 15.35 -10.33 12.15
N VAL A 117 16.48 -9.90 12.68
CA VAL A 117 17.00 -10.46 13.89
C VAL A 117 15.98 -10.25 15.00
N CYS A 118 15.41 -9.04 15.04
CA CYS A 118 14.57 -8.64 16.13
C CYS A 118 13.27 -9.47 16.07
N LYS A 119 12.68 -9.69 14.88
CA LYS A 119 11.54 -10.57 14.69
C LYS A 119 11.80 -12.00 15.09
N ALA A 120 12.99 -12.47 14.72
CA ALA A 120 13.38 -13.82 15.06
C ALA A 120 13.56 -13.92 16.59
N GLY A 121 14.05 -12.84 17.20
CA GLY A 121 14.34 -12.84 18.62
C GLY A 121 13.06 -12.90 19.40
N ALA A 122 12.11 -12.10 18.98
CA ALA A 122 10.78 -12.17 19.59
C ALA A 122 10.18 -13.61 19.51
N ALA A 123 10.25 -14.28 18.35
CA ALA A 123 9.81 -15.66 18.25
C ALA A 123 10.62 -16.54 19.19
N GLU A 124 11.93 -16.32 19.34
CA GLU A 124 12.72 -17.25 20.16
C GLU A 124 12.23 -17.16 21.61
N ARG A 125 11.96 -15.94 22.05
CA ARG A 125 11.31 -15.67 23.36
C ARG A 125 9.85 -16.13 23.50
N GLU A 126 9.25 -16.55 22.39
CA GLU A 126 7.81 -16.91 22.36
C GLU A 126 6.91 -15.73 22.79
N LEU A 127 7.28 -14.52 22.33
CA LEU A 127 6.63 -13.28 22.73
C LEU A 127 6.16 -12.58 21.48
N PRO A 128 5.13 -11.73 21.58
CA PRO A 128 4.86 -10.89 20.41
C PRO A 128 5.95 -9.86 20.25
N LEU A 129 6.06 -9.37 19.04
CA LEU A 129 7.20 -8.44 18.71
C LEU A 129 7.26 -7.15 19.59
N TYR A 130 6.07 -6.59 19.80
CA TYR A 130 5.99 -5.43 20.67
C TYR A 130 6.46 -5.75 22.07
N ARG A 131 6.24 -6.93 22.58
CA ARG A 131 6.68 -7.24 23.94
C ARG A 131 8.20 -7.43 23.96
N HIS A 132 8.74 -8.11 22.93
CA HIS A 132 10.17 -8.32 22.84
C HIS A 132 10.88 -6.99 22.82
N ILE A 133 10.36 -6.06 22.01
CA ILE A 133 10.87 -4.72 21.97
C ILE A 133 10.86 -4.01 23.31
N ALA A 134 9.70 -4.09 23.98
CA ALA A 134 9.51 -3.62 25.34
C ALA A 134 10.66 -4.06 26.21
N GLN A 135 10.96 -5.37 26.19
CA GLN A 135 12.03 -5.92 27.06
C GLN A 135 13.43 -5.33 26.67
N LEU A 136 13.75 -5.34 25.37
CA LEU A 136 14.95 -4.66 24.89
C LEU A 136 15.14 -3.23 25.39
N ALA A 137 14.05 -2.49 25.53
CA ALA A 137 14.10 -1.07 25.84
C ALA A 137 13.92 -0.80 27.32
N GLY A 138 13.64 -1.89 28.06
CA GLY A 138 13.33 -1.86 29.49
C GLY A 138 11.98 -1.31 29.95
N ASN A 139 10.96 -1.43 29.09
CA ASN A 139 9.59 -1.06 29.47
C ASN A 139 8.75 -2.28 29.88
N SER A 140 7.64 -2.05 30.59
CA SER A 140 6.65 -3.09 30.97
C SER A 140 5.19 -2.70 30.67
N ASP A 141 4.90 -1.40 30.69
CA ASP A 141 3.52 -0.93 30.72
C ASP A 141 3.31 -0.28 29.36
N LEU A 142 2.86 -1.07 28.38
CA LEU A 142 2.80 -0.61 27.01
C LEU A 142 1.63 0.33 26.78
N ILE A 143 1.77 1.18 25.79
CA ILE A 143 0.69 2.04 25.47
C ILE A 143 0.44 2.16 23.94
N LEU A 144 -0.81 2.42 23.63
CA LEU A 144 -1.17 2.64 22.22
C LEU A 144 -1.05 4.11 21.89
N PRO A 145 -0.32 4.40 20.81
CA PRO A 145 -0.10 5.79 20.46
C PRO A 145 -1.26 6.53 19.86
N VAL A 146 -1.23 7.84 19.93
CA VAL A 146 -2.09 8.58 19.04
C VAL A 146 -1.47 8.55 17.63
N PRO A 147 -2.27 8.15 16.62
CA PRO A 147 -1.76 8.23 15.22
C PRO A 147 -1.85 9.65 14.65
N ALA A 148 -0.86 10.01 13.80
CA ALA A 148 -0.75 11.33 13.21
C ALA A 148 -0.90 11.16 11.70
N PHE A 149 -2.12 11.27 11.17
CA PHE A 149 -2.39 11.07 9.72
C PHE A 149 -2.12 12.26 8.81
N ASN A 150 -1.23 12.02 7.85
CA ASN A 150 -0.77 13.06 6.92
C ASN A 150 -1.78 13.06 5.74
N VAL A 151 -2.85 13.85 5.94
CA VAL A 151 -4.05 13.84 5.08
C VAL A 151 -3.96 14.87 3.88
N ILE A 152 -3.08 15.85 3.93
CA ILE A 152 -2.70 16.67 2.75
C ILE A 152 -1.18 16.70 2.55
N ASN A 153 -0.77 16.22 1.36
CA ASN A 153 0.63 16.14 0.99
C ASN A 153 1.17 17.33 0.19
N GLY A 154 2.37 17.77 0.55
CA GLY A 154 3.00 18.91 -0.15
C GLY A 154 4.47 18.54 -0.30
N GLY A 155 5.29 19.57 -0.47
CA GLY A 155 6.77 19.46 -0.59
C GLY A 155 7.18 18.44 -1.65
N SER A 156 8.20 17.70 -1.27
CA SER A 156 8.77 16.71 -2.10
C SER A 156 7.93 15.41 -2.20
N HIS A 157 6.72 15.41 -1.64
CA HIS A 157 5.90 14.21 -1.61
C HIS A 157 4.72 14.38 -2.53
N ALA A 158 4.61 15.46 -3.28
CA ALA A 158 3.40 15.74 -4.00
C ALA A 158 3.66 16.66 -5.16
N GLY A 159 2.88 16.42 -6.23
CA GLY A 159 2.79 17.25 -7.41
C GLY A 159 1.80 18.37 -7.15
N ASN A 160 2.36 19.46 -6.71
CA ASN A 160 1.59 20.65 -6.35
C ASN A 160 2.59 21.74 -5.97
N LYS A 161 2.11 22.94 -5.71
CA LYS A 161 3.05 24.05 -5.44
C LYS A 161 3.35 24.10 -3.93
N LEU A 162 2.43 23.55 -3.15
CA LEU A 162 2.42 23.60 -1.72
C LEU A 162 3.77 23.14 -1.23
N ALA A 163 4.49 24.01 -0.53
CA ALA A 163 5.87 23.75 -0.14
C ALA A 163 6.01 22.96 1.13
N MET A 164 5.21 23.25 2.15
CA MET A 164 5.31 22.46 3.32
C MET A 164 4.82 21.04 3.09
N GLN A 165 5.47 20.09 3.80
CA GLN A 165 5.41 18.71 3.37
C GLN A 165 4.14 17.96 3.81
N GLU A 166 3.84 18.10 5.11
CA GLU A 166 2.85 17.24 5.73
C GLU A 166 1.83 18.03 6.57
N PHE A 167 0.53 17.76 6.31
CA PHE A 167 -0.50 18.33 7.19
C PHE A 167 -1.28 17.15 7.77
N MET A 168 -1.11 17.03 9.07
CA MET A 168 -1.56 15.88 9.87
C MET A 168 -2.72 16.12 10.79
N ILE A 169 -3.52 15.07 11.01
CA ILE A 169 -4.55 15.07 12.06
C ILE A 169 -4.26 14.07 13.12
N LEU A 170 -4.38 14.53 14.36
CA LEU A 170 -4.15 13.64 15.51
C LEU A 170 -5.43 13.44 16.36
N PRO A 171 -6.07 12.22 16.43
CA PRO A 171 -7.33 12.04 17.25
C PRO A 171 -7.01 11.85 18.75
N VAL A 172 -6.52 12.91 19.39
CA VAL A 172 -6.14 12.91 20.80
C VAL A 172 -7.32 12.59 21.69
N GLY A 173 -8.51 12.96 21.23
CA GLY A 173 -9.74 12.69 22.02
C GLY A 173 -10.51 11.42 21.75
N ALA A 174 -9.90 10.54 20.97
CA ALA A 174 -10.44 9.24 20.67
C ALA A 174 -10.51 8.37 21.90
N GLU A 175 -11.40 7.41 21.91
CA GLU A 175 -11.52 6.52 23.09
C GLU A 175 -10.47 5.35 23.17
N SER A 176 -9.89 5.03 22.03
CA SER A 176 -9.02 3.82 21.88
C SER A 176 -8.28 4.04 20.57
N PHE A 177 -7.39 3.12 20.26
CA PHE A 177 -6.70 3.17 18.99
C PHE A 177 -7.68 2.90 17.81
N ARG A 178 -8.52 1.85 17.96
CA ARG A 178 -9.51 1.48 16.97
C ARG A 178 -10.43 2.68 16.75
N ASP A 179 -10.79 3.42 17.81
CA ASP A 179 -11.55 4.63 17.67
C ASP A 179 -10.81 5.74 16.96
N ALA A 180 -9.50 5.88 17.21
CA ALA A 180 -8.76 6.92 16.51
C ALA A 180 -8.70 6.60 14.99
N MET A 181 -8.65 5.31 14.60
CA MET A 181 -8.68 4.96 13.16
C MET A 181 -10.02 5.38 12.56
N ARG A 182 -11.11 5.22 13.28
CA ARG A 182 -12.42 5.67 12.77
C ARG A 182 -12.45 7.20 12.63
N LEU A 183 -12.01 7.94 13.65
CA LEU A 183 -11.93 9.41 13.53
C LEU A 183 -11.08 9.86 12.35
N GLY A 184 -9.90 9.24 12.23
CA GLY A 184 -8.97 9.63 11.15
C GLY A 184 -9.60 9.42 9.80
N ALA A 185 -10.22 8.27 9.63
CA ALA A 185 -10.74 7.82 8.34
C ALA A 185 -11.93 8.67 8.01
N GLU A 186 -12.77 9.02 9.02
CA GLU A 186 -13.97 9.88 8.72
C GLU A 186 -13.58 11.28 8.31
N VAL A 187 -12.58 11.84 8.97
CA VAL A 187 -12.11 13.17 8.56
C VAL A 187 -11.46 13.11 7.14
N TYR A 188 -10.68 12.08 6.90
CA TYR A 188 -10.08 11.93 5.59
C TYR A 188 -11.18 11.85 4.46
N HIS A 189 -12.22 11.05 4.67
CA HIS A 189 -13.30 10.97 3.65
C HIS A 189 -14.03 12.30 3.48
N THR A 190 -14.24 12.96 4.62
CA THR A 190 -14.91 14.24 4.60
C THR A 190 -14.06 15.25 3.87
N LEU A 191 -12.77 15.18 4.10
CA LEU A 191 -11.84 16.08 3.46
C LEU A 191 -11.79 15.95 1.95
N LYS A 192 -11.89 14.73 1.47
CA LYS A 192 -12.00 14.45 0.05
C LYS A 192 -13.12 15.36 -0.54
N GLY A 193 -14.25 15.45 0.15
CA GLY A 193 -15.41 16.18 -0.40
C GLY A 193 -15.26 17.70 -0.26
N VAL A 194 -14.66 18.18 0.82
CA VAL A 194 -14.33 19.58 0.92
C VAL A 194 -13.42 20.00 -0.24
N ILE A 195 -12.42 19.15 -0.53
CA ILE A 195 -11.50 19.45 -1.63
C ILE A 195 -12.19 19.39 -3.00
N LYS A 196 -13.00 18.36 -3.18
CA LYS A 196 -13.65 18.14 -4.49
C LYS A 196 -14.57 19.37 -4.73
N ASP A 197 -15.28 19.78 -3.68
CA ASP A 197 -16.23 20.92 -3.76
C ASP A 197 -15.55 22.22 -4.15
N LYS A 198 -14.40 22.51 -3.54
CA LYS A 198 -13.73 23.81 -3.74
C LYS A 198 -12.81 23.88 -4.96
N TYR A 199 -12.14 22.77 -5.29
CA TYR A 199 -11.03 22.75 -6.21
C TYR A 199 -11.23 21.81 -7.37
N GLY A 200 -12.26 20.94 -7.31
CA GLY A 200 -12.46 19.97 -8.38
C GLY A 200 -12.04 18.56 -7.99
N LYS A 201 -12.72 17.58 -8.59
CA LYS A 201 -12.35 16.14 -8.47
C LYS A 201 -10.87 15.91 -8.82
N ASP A 202 -10.30 16.73 -9.69
CA ASP A 202 -8.92 16.52 -10.14
C ASP A 202 -7.87 16.88 -9.06
N ALA A 203 -8.35 17.55 -7.99
CA ALA A 203 -7.56 17.97 -6.86
C ALA A 203 -7.49 16.89 -5.76
N THR A 204 -8.13 15.75 -6.01
CA THR A 204 -8.20 14.74 -4.95
C THR A 204 -7.49 13.47 -5.27
N ASN A 205 -6.55 13.50 -6.22
CA ASN A 205 -5.57 12.41 -6.31
C ASN A 205 -4.61 12.51 -5.13
N VAL A 206 -3.76 11.52 -4.92
CA VAL A 206 -2.94 11.57 -3.71
C VAL A 206 -1.40 11.66 -3.92
N GLY A 207 -0.71 12.12 -2.89
CA GLY A 207 0.77 12.19 -2.83
C GLY A 207 1.32 10.83 -2.38
N ASP A 208 2.62 10.85 -2.13
CA ASP A 208 3.37 9.67 -1.78
C ASP A 208 2.89 9.03 -0.53
N GLU A 209 2.33 9.82 0.41
CA GLU A 209 1.94 9.26 1.73
C GLU A 209 0.41 9.09 1.85
N GLY A 210 -0.33 9.22 0.74
CA GLY A 210 -1.78 8.86 0.73
C GLY A 210 -2.62 10.11 1.03
N GLY A 211 -1.98 11.25 1.36
CA GLY A 211 -2.80 12.47 1.57
C GLY A 211 -3.22 13.04 0.24
N PHE A 212 -4.31 13.77 0.25
CA PHE A 212 -4.64 14.51 -0.97
C PHE A 212 -3.58 15.53 -1.44
N ALA A 213 -3.48 15.66 -2.75
CA ALA A 213 -2.55 16.58 -3.34
C ALA A 213 -3.27 17.65 -4.19
N PRO A 214 -4.00 18.55 -3.53
CA PRO A 214 -4.66 19.58 -4.25
C PRO A 214 -3.69 20.59 -4.81
N ASN A 215 -4.13 21.27 -5.85
CA ASN A 215 -3.27 22.19 -6.58
C ASN A 215 -3.25 23.61 -5.94
N ILE A 216 -2.85 23.67 -4.68
CA ILE A 216 -2.74 24.90 -3.87
C ILE A 216 -1.30 25.27 -3.52
N LEU A 217 -1.10 26.58 -3.24
CA LEU A 217 0.22 27.10 -2.92
C LEU A 217 0.31 27.37 -1.44
N GLU A 218 -0.77 27.95 -0.89
CA GLU A 218 -0.70 28.54 0.48
C GLU A 218 -0.86 27.50 1.54
N ASN A 219 0.12 27.44 2.43
CA ASN A 219 0.12 26.50 3.48
C ASN A 219 -1.06 26.75 4.41
N SER A 220 -1.43 28.01 4.59
CA SER A 220 -2.58 28.31 5.43
C SER A 220 -3.88 27.70 4.84
N GLU A 221 -3.99 27.64 3.53
CA GLU A 221 -5.14 27.06 2.88
C GLU A 221 -5.20 25.53 3.13
N ALA A 222 -4.04 24.89 3.16
CA ALA A 222 -4.04 23.46 3.58
C ALA A 222 -4.60 23.31 4.98
N LEU A 223 -4.10 24.14 5.92
CA LEU A 223 -4.63 24.09 7.30
C LEU A 223 -6.15 24.35 7.31
N GLU A 224 -6.63 25.25 6.47
CA GLU A 224 -8.02 25.67 6.48
C GLU A 224 -8.84 24.50 6.00
N LEU A 225 -8.36 23.84 4.98
CA LEU A 225 -9.10 22.65 4.52
C LEU A 225 -9.18 21.57 5.59
N VAL A 226 -8.06 21.35 6.28
CA VAL A 226 -8.07 20.29 7.27
C VAL A 226 -9.04 20.63 8.46
N LYS A 227 -9.00 21.89 8.89
CA LYS A 227 -9.82 22.37 10.01
C LYS A 227 -11.29 22.25 9.63
N GLU A 228 -11.64 22.64 8.41
CA GLU A 228 -13.03 22.48 7.90
C GLU A 228 -13.44 21.00 7.93
N ALA A 229 -12.55 20.09 7.49
CA ALA A 229 -12.94 18.71 7.40
C ALA A 229 -13.21 18.12 8.82
N ILE A 230 -12.38 18.61 9.75
CA ILE A 230 -12.47 18.25 11.14
C ILE A 230 -13.82 18.69 11.68
N ASP A 231 -14.10 19.98 11.50
CA ASP A 231 -15.41 20.45 12.00
C ASP A 231 -16.62 19.79 11.29
N LYS A 232 -16.52 19.60 9.98
CA LYS A 232 -17.66 19.01 9.21
C LYS A 232 -17.90 17.54 9.60
N ALA A 233 -16.83 16.84 9.98
CA ALA A 233 -17.00 15.47 10.49
C ALA A 233 -17.46 15.39 11.93
N GLY A 234 -17.59 16.54 12.58
CA GLY A 234 -18.12 16.66 13.96
C GLY A 234 -17.14 16.37 15.07
N TYR A 235 -15.86 16.56 14.79
CA TYR A 235 -14.79 16.17 15.70
C TYR A 235 -13.88 17.27 16.19
N THR A 236 -14.36 18.49 16.13
CA THR A 236 -13.58 19.63 16.55
C THR A 236 -12.98 19.51 17.95
N GLU A 237 -13.74 18.92 18.88
CA GLU A 237 -13.27 18.79 20.23
C GLU A 237 -12.38 17.60 20.43
N LYS A 238 -11.88 16.97 19.37
CA LYS A 238 -11.24 15.66 19.60
C LYS A 238 -10.04 15.33 18.70
N ILE A 239 -9.84 16.16 17.70
CA ILE A 239 -8.78 16.00 16.71
C ILE A 239 -8.08 17.33 16.56
N VAL A 240 -6.77 17.29 16.64
CA VAL A 240 -5.92 18.50 16.52
C VAL A 240 -4.98 18.30 15.36
N ILE A 241 -4.11 19.24 15.10
CA ILE A 241 -3.33 19.24 13.87
C ILE A 241 -1.82 19.26 14.11
N GLY A 242 -1.11 18.51 13.27
CA GLY A 242 0.35 18.54 13.33
C GLY A 242 0.90 18.79 11.92
N MET A 243 2.15 19.32 11.81
CA MET A 243 2.78 19.63 10.54
C MET A 243 4.17 19.03 10.49
N ASP A 244 4.62 18.69 9.28
CA ASP A 244 6.04 18.52 9.03
C ASP A 244 6.32 19.43 7.88
N VAL A 245 6.99 20.54 8.20
CA VAL A 245 7.39 21.55 7.20
C VAL A 245 8.47 21.00 6.32
N ALA A 246 9.38 20.18 6.87
CA ALA A 246 10.51 19.71 6.05
C ALA A 246 11.31 20.85 5.44
N ALA A 247 11.59 21.86 6.27
CA ALA A 247 12.23 23.09 5.78
C ALA A 247 13.60 22.95 5.11
N SER A 248 14.36 21.91 5.45
CA SER A 248 15.65 21.71 4.76
C SER A 248 15.46 21.61 3.24
N GLU A 249 14.29 21.13 2.87
CA GLU A 249 13.88 20.90 1.43
C GLU A 249 13.79 22.21 0.63
N PHE A 250 13.54 23.32 1.31
CA PHE A 250 13.36 24.62 0.65
C PHE A 250 14.25 25.73 1.13
N TYR A 251 15.33 25.33 1.81
CA TYR A 251 16.32 26.28 2.32
C TYR A 251 17.24 26.65 1.19
N ARG A 252 17.37 27.96 0.98
CA ARG A 252 18.05 28.49 -0.21
C ARG A 252 18.90 29.69 0.17
N ASP A 253 20.19 29.55 -0.12
CA ASP A 253 21.20 30.54 0.20
C ASP A 253 20.81 31.35 1.44
N GLY A 254 20.57 30.63 2.54
CA GLY A 254 20.35 31.28 3.83
C GLY A 254 18.92 31.73 4.09
N LYS A 255 18.05 31.67 3.07
CA LYS A 255 16.59 31.99 3.20
C LYS A 255 15.71 30.78 2.92
N TYR A 256 14.40 31.00 2.83
CA TYR A 256 13.47 29.88 2.64
C TYR A 256 12.45 30.19 1.50
N ASP A 257 12.26 29.20 0.63
CA ASP A 257 11.44 29.31 -0.57
C ASP A 257 10.11 28.53 -0.50
N LEU A 258 9.04 29.25 -0.14
CA LEU A 258 7.72 28.61 -0.06
C LEU A 258 7.03 28.42 -1.41
N ASP A 259 7.76 28.60 -2.52
CA ASP A 259 7.25 28.22 -3.80
C ASP A 259 8.38 27.52 -4.61
N PHE A 260 9.10 26.67 -3.87
CA PHE A 260 10.27 25.93 -4.36
C PHE A 260 10.12 24.99 -5.55
N LYS A 261 8.94 24.44 -5.76
CA LYS A 261 8.64 23.66 -6.96
C LYS A 261 8.31 24.49 -8.18
N SER A 262 8.33 25.83 -8.06
CA SER A 262 8.11 26.71 -9.20
C SER A 262 9.49 27.23 -9.66
N PRO A 263 9.62 27.64 -10.94
CA PRO A 263 10.94 28.00 -11.48
C PRO A 263 11.67 28.96 -10.54
N THR A 264 12.98 28.81 -10.38
CA THR A 264 13.66 29.56 -9.32
C THR A 264 13.42 31.05 -9.49
N ASP A 265 12.98 31.69 -8.42
CA ASP A 265 12.86 33.16 -8.40
C ASP A 265 13.12 33.72 -6.99
N PRO A 266 14.37 34.11 -6.74
CA PRO A 266 14.86 34.46 -5.41
C PRO A 266 14.18 35.68 -4.82
N SER A 267 13.56 36.48 -5.68
CA SER A 267 12.75 37.59 -5.19
C SER A 267 11.67 37.14 -4.18
N ARG A 268 11.18 35.90 -4.33
CA ARG A 268 10.11 35.44 -3.48
C ARG A 268 10.58 34.79 -2.17
N TYR A 269 11.89 34.70 -1.97
CA TYR A 269 12.45 34.12 -0.76
C TYR A 269 12.17 34.92 0.52
N ILE A 270 11.94 34.24 1.62
CA ILE A 270 11.74 34.89 2.93
C ILE A 270 12.79 34.48 3.96
N THR A 271 12.87 35.20 5.09
CA THR A 271 13.84 34.94 6.11
C THR A 271 13.34 33.91 7.15
N GLY A 272 14.27 33.39 7.97
CA GLY A 272 13.95 32.53 9.09
C GLY A 272 12.88 33.23 9.93
N ASP A 273 13.12 34.51 10.26
CA ASP A 273 12.21 35.25 11.14
C ASP A 273 10.79 35.32 10.56
N GLN A 274 10.73 35.62 9.26
CA GLN A 274 9.45 35.64 8.54
C GLN A 274 8.73 34.31 8.57
N LEU A 275 9.49 33.22 8.48
CA LEU A 275 8.92 31.87 8.54
C LEU A 275 8.43 31.66 9.95
N GLY A 276 9.21 32.09 10.91
CA GLY A 276 8.78 31.83 12.29
C GLY A 276 7.47 32.52 12.67
N ALA A 277 7.32 33.77 12.19
CA ALA A 277 6.09 34.55 12.38
C ALA A 277 4.95 33.80 11.76
N LEU A 278 5.20 33.17 10.61
CA LEU A 278 4.09 32.41 9.94
C LEU A 278 3.63 31.31 10.85
N TYR A 279 4.59 30.58 11.42
CA TYR A 279 4.22 29.51 12.33
C TYR A 279 3.38 30.07 13.53
N GLN A 280 3.79 31.22 14.10
CA GLN A 280 3.02 31.85 15.15
C GLN A 280 1.54 32.05 14.67
N ASP A 281 1.34 32.61 13.48
CA ASP A 281 0.02 32.80 12.87
C ASP A 281 -0.71 31.46 12.79
N PHE A 282 -0.03 30.38 12.37
CA PHE A 282 -0.70 29.08 12.27
C PHE A 282 -1.16 28.49 13.62
N VAL A 283 -0.31 28.70 14.61
CA VAL A 283 -0.57 28.33 16.00
C VAL A 283 -1.73 29.12 16.60
N ARG A 284 -1.88 30.39 16.22
CA ARG A 284 -2.96 31.14 16.82
C ARG A 284 -4.24 30.92 16.06
N ASP A 285 -4.12 30.58 14.78
CA ASP A 285 -5.32 30.54 13.94
C ASP A 285 -5.88 29.14 13.74
N TYR A 286 -5.10 28.11 14.09
CA TYR A 286 -5.51 26.71 13.86
C TYR A 286 -5.09 25.88 15.05
N PRO A 287 -5.74 24.70 15.33
CA PRO A 287 -5.35 23.90 16.49
C PRO A 287 -4.06 23.10 16.16
N VAL A 288 -3.03 23.81 15.74
CA VAL A 288 -1.69 23.22 15.51
C VAL A 288 -0.99 22.96 16.83
N VAL A 289 -0.61 21.72 17.07
CA VAL A 289 -0.06 21.39 18.37
C VAL A 289 1.34 20.79 18.24
N SER A 290 1.79 20.58 17.02
CA SER A 290 3.12 19.98 16.75
C SER A 290 3.58 20.41 15.39
N ILE A 291 4.85 20.82 15.33
CA ILE A 291 5.48 21.29 14.10
C ILE A 291 6.88 20.71 14.02
N GLU A 292 7.08 19.98 12.93
CA GLU A 292 8.26 19.20 12.64
C GLU A 292 9.13 19.94 11.59
N ASP A 293 10.45 19.93 11.87
CA ASP A 293 11.49 20.55 11.02
C ASP A 293 11.10 21.93 10.50
N PRO A 294 10.74 22.87 11.39
CA PRO A 294 10.41 24.24 11.08
C PRO A 294 11.52 25.04 10.43
N PHE A 295 12.74 24.54 10.59
CA PHE A 295 13.92 25.26 10.07
C PHE A 295 14.92 24.25 9.44
N ASP A 296 15.92 24.78 8.71
CA ASP A 296 16.89 23.91 8.04
C ASP A 296 17.62 23.07 9.10
N GLN A 297 18.10 21.91 8.67
CA GLN A 297 18.77 20.95 9.55
C GLN A 297 20.00 21.53 10.26
N ASP A 298 20.58 22.59 9.68
CA ASP A 298 21.78 23.28 10.28
C ASP A 298 21.44 24.66 10.80
N ASP A 299 20.16 25.02 10.82
CA ASP A 299 19.78 26.41 11.17
C ASP A 299 19.48 26.43 12.69
N TRP A 300 20.47 26.08 13.51
CA TRP A 300 20.24 25.81 14.92
C TRP A 300 19.67 26.99 15.69
N ALA A 301 20.16 28.19 15.44
CA ALA A 301 19.66 29.30 16.26
C ALA A 301 18.20 29.60 15.99
N ALA A 302 17.74 29.38 14.75
CA ALA A 302 16.32 29.58 14.42
C ALA A 302 15.43 28.64 15.18
N TRP A 303 15.84 27.37 15.24
CA TRP A 303 15.17 26.34 16.00
C TRP A 303 15.08 26.77 17.46
N SER A 304 16.23 27.08 18.05
CA SER A 304 16.30 27.41 19.45
C SER A 304 15.43 28.66 19.77
N LYS A 305 15.52 29.71 18.96
CA LYS A 305 14.66 30.89 19.08
C LYS A 305 13.18 30.51 19.04
N PHE A 306 12.76 29.86 17.96
CA PHE A 306 11.37 29.49 17.81
C PHE A 306 10.86 28.66 19.02
N THR A 307 11.58 27.60 19.38
CA THR A 307 11.14 26.68 20.42
C THR A 307 10.89 27.37 21.74
N ALA A 308 11.73 28.36 22.00
CA ALA A 308 11.68 29.07 23.27
C ALA A 308 10.51 30.03 23.33
N ASN A 309 9.80 30.19 22.23
CA ASN A 309 8.76 31.20 22.09
C ASN A 309 7.46 30.57 21.68
N VAL A 310 7.34 29.28 21.94
CA VAL A 310 6.03 28.57 21.71
C VAL A 310 5.84 27.55 22.81
N GLY A 311 4.59 27.15 23.04
CA GLY A 311 4.27 26.14 24.04
C GLY A 311 3.91 24.80 23.40
N ILE A 312 4.04 24.70 22.09
CA ILE A 312 3.70 23.42 21.43
C ILE A 312 4.88 22.43 21.29
N GLN A 313 4.62 21.25 20.69
CA GLN A 313 5.64 20.25 20.39
C GLN A 313 6.38 20.68 19.14
N ILE A 314 7.71 20.63 19.18
CA ILE A 314 8.58 21.04 18.10
C ILE A 314 9.46 19.82 17.86
N VAL A 315 9.36 19.21 16.67
CA VAL A 315 9.96 17.89 16.45
C VAL A 315 11.20 17.99 15.60
N GLY A 316 12.32 17.39 16.04
CA GLY A 316 13.51 17.32 15.19
C GLY A 316 13.39 16.08 14.27
N ASP A 317 13.59 16.27 12.97
CA ASP A 317 13.69 15.09 12.11
C ASP A 317 15.00 15.13 11.37
N ASP A 318 15.08 15.96 10.34
CA ASP A 318 16.39 16.16 9.66
C ASP A 318 17.40 16.81 10.66
N LEU A 319 16.93 17.60 11.61
CA LEU A 319 17.81 18.20 12.61
C LEU A 319 18.63 17.15 13.35
N THR A 320 17.92 16.11 13.77
CA THR A 320 18.40 15.13 14.67
C THR A 320 18.81 13.80 14.05
N VAL A 321 18.15 13.40 12.95
CA VAL A 321 18.44 12.13 12.29
C VAL A 321 18.60 10.83 13.13
N THR A 322 17.75 10.65 14.15
CA THR A 322 17.75 9.48 15.02
C THR A 322 19.16 9.09 15.49
N ASN A 323 19.95 10.14 15.65
CA ASN A 323 21.36 10.05 15.96
C ASN A 323 21.74 10.65 17.33
N PRO A 324 22.19 9.80 18.26
CA PRO A 324 22.49 10.33 19.59
C PRO A 324 23.38 11.57 19.71
N LYS A 325 24.39 11.73 18.84
CA LYS A 325 25.31 12.91 18.78
C LYS A 325 24.56 14.22 18.48
N ARG A 326 23.69 14.15 17.47
CA ARG A 326 22.90 15.33 17.09
C ARG A 326 21.80 15.58 18.18
N ILE A 327 21.25 14.52 18.76
CA ILE A 327 20.19 14.66 19.77
C ILE A 327 20.80 15.40 20.96
N GLU A 328 21.89 14.85 21.48
CA GLU A 328 22.65 15.58 22.49
C GLU A 328 22.86 17.05 22.18
N ARG A 329 23.25 17.44 20.95
CA ARG A 329 23.47 18.88 20.67
C ARG A 329 22.09 19.56 20.78
N ALA A 330 21.06 18.89 20.27
CA ALA A 330 19.73 19.45 20.30
C ALA A 330 19.20 19.71 21.70
N VAL A 331 19.50 18.81 22.60
CA VAL A 331 19.13 18.93 24.03
C VAL A 331 19.80 20.12 24.71
N GLU A 332 21.10 20.30 24.44
CA GLU A 332 21.92 21.31 25.16
C GLU A 332 21.44 22.67 24.73
N GLU A 333 21.11 22.75 23.44
CA GLU A 333 20.76 24.01 22.82
C GLU A 333 19.23 24.28 22.81
N LYS A 334 18.47 23.43 23.49
CA LYS A 334 17.02 23.56 23.56
C LYS A 334 16.45 23.77 22.16
N ALA A 335 16.90 23.00 21.16
CA ALA A 335 16.45 23.32 19.80
C ALA A 335 15.02 22.81 19.47
N CYS A 336 14.67 21.70 20.09
CA CYS A 336 13.34 21.10 19.93
C CYS A 336 12.99 20.30 21.20
N ASN A 337 11.77 19.78 21.24
CA ASN A 337 11.35 19.04 22.46
C ASN A 337 10.72 17.68 22.13
N CYS A 338 11.00 17.22 20.89
CA CYS A 338 10.51 15.90 20.41
C CYS A 338 11.43 15.37 19.37
N LEU A 339 11.60 14.05 19.43
CA LEU A 339 12.47 13.29 18.52
C LEU A 339 11.61 12.53 17.51
N LEU A 340 11.88 12.71 16.20
CA LEU A 340 11.24 11.81 15.14
C LEU A 340 12.12 10.55 15.08
N LEU A 341 11.52 9.41 15.36
CA LEU A 341 12.29 8.18 15.42
C LEU A 341 12.17 7.36 14.17
N LYS A 342 13.28 7.31 13.43
CA LYS A 342 13.34 6.63 12.12
C LYS A 342 14.50 5.62 12.14
N VAL A 343 14.18 4.34 12.26
CA VAL A 343 15.18 3.28 12.21
C VAL A 343 16.19 3.43 11.10
N ASN A 344 15.79 3.80 9.88
CA ASN A 344 16.74 3.86 8.78
C ASN A 344 17.56 5.18 8.72
N GLN A 345 17.30 6.16 9.61
CA GLN A 345 18.16 7.36 9.64
C GLN A 345 19.43 6.98 10.39
N ILE A 346 19.36 5.98 11.26
CA ILE A 346 20.54 5.56 12.05
C ILE A 346 21.04 4.19 11.64
N GLY A 347 20.17 3.26 11.28
CA GLY A 347 20.67 2.03 10.67
C GLY A 347 20.58 0.77 11.47
N SER A 348 20.16 0.80 12.75
CA SER A 348 20.01 -0.45 13.48
C SER A 348 18.90 -0.21 14.50
N VAL A 349 18.25 -1.32 14.89
CA VAL A 349 17.29 -1.38 15.97
C VAL A 349 17.91 -0.88 17.29
N THR A 350 19.01 -1.50 17.72
CA THR A 350 19.69 -1.06 18.90
C THR A 350 19.94 0.45 18.96
N GLU A 351 20.46 1.05 17.89
CA GLU A 351 20.67 2.50 17.88
C GLU A 351 19.39 3.31 17.96
N ALA A 352 18.33 2.84 17.26
CA ALA A 352 17.06 3.54 17.32
C ALA A 352 16.50 3.52 18.78
N ILE A 353 16.62 2.39 19.45
CA ILE A 353 16.16 2.21 20.85
C ILE A 353 16.98 3.11 21.76
N GLN A 354 18.30 3.17 21.56
CA GLN A 354 19.14 4.11 22.33
C GLN A 354 18.72 5.56 22.09
N ALA A 355 18.38 5.91 20.83
CA ALA A 355 18.04 7.28 20.49
C ALA A 355 16.76 7.70 21.20
N CYS A 356 15.77 6.80 21.13
CA CYS A 356 14.51 6.98 21.81
C CYS A 356 14.72 7.27 23.30
N LYS A 357 15.50 6.37 23.95
CA LYS A 357 15.68 6.44 25.40
C LYS A 357 16.36 7.69 25.81
N LEU A 358 17.32 8.13 24.98
CA LEU A 358 18.06 9.38 25.19
C LEU A 358 17.06 10.52 25.20
N ALA A 359 16.18 10.51 24.22
CA ALA A 359 15.23 11.59 24.09
C ALA A 359 14.31 11.58 25.34
N GLN A 360 13.83 10.38 25.72
CA GLN A 360 12.78 10.28 26.78
C GLN A 360 13.41 10.59 28.13
N GLU A 361 14.68 10.29 28.25
CA GLU A 361 15.43 10.63 29.48
C GLU A 361 15.58 12.17 29.61
N ASN A 362 15.55 12.89 28.50
CA ASN A 362 15.70 14.33 28.53
C ASN A 362 14.36 15.11 28.52
N GLY A 363 13.26 14.40 28.80
CA GLY A 363 11.93 14.98 28.85
C GLY A 363 11.31 15.25 27.49
N TRP A 364 11.94 14.77 26.41
CA TRP A 364 11.34 15.02 25.10
C TRP A 364 10.24 14.01 24.78
N GLY A 365 9.39 14.39 23.84
CA GLY A 365 8.47 13.40 23.21
C GLY A 365 9.27 12.57 22.24
N VAL A 366 8.68 11.47 21.83
CA VAL A 366 9.19 10.68 20.68
C VAL A 366 8.00 10.32 19.83
N MET A 367 8.10 10.68 18.53
CA MET A 367 7.15 10.25 17.52
C MET A 367 7.82 9.27 16.55
N VAL A 368 7.37 8.00 16.62
CA VAL A 368 7.83 6.92 15.71
C VAL A 368 7.33 7.28 14.29
N SER A 369 8.15 7.04 13.26
CA SER A 369 7.85 7.47 11.88
C SER A 369 8.19 6.44 10.80
N HIS A 370 7.31 6.36 9.81
CA HIS A 370 7.60 5.72 8.57
C HIS A 370 8.61 6.60 7.75
N ARG A 371 8.97 6.10 6.56
CA ARG A 371 9.49 6.95 5.49
C ARG A 371 8.44 7.17 4.38
N SER A 372 8.66 8.23 3.54
CA SER A 372 8.01 8.52 2.22
C SER A 372 7.83 7.22 1.43
N GLY A 373 8.95 6.52 1.31
CA GLY A 373 8.92 5.23 0.60
C GLY A 373 8.77 4.12 1.61
N GLU A 374 7.62 3.43 1.67
CA GLU A 374 7.40 2.37 2.67
C GLU A 374 7.22 1.03 2.01
N THR A 375 7.03 -0.03 2.80
CA THR A 375 6.85 -1.37 2.20
C THR A 375 5.67 -1.93 3.03
N GLU A 376 5.37 -3.16 2.71
CA GLU A 376 4.42 -3.98 3.47
C GLU A 376 4.84 -4.37 4.87
N ASP A 377 6.07 -4.06 5.24
CA ASP A 377 6.60 -4.32 6.60
C ASP A 377 5.77 -3.56 7.63
N THR A 378 5.60 -4.16 8.81
CA THR A 378 4.83 -3.47 9.87
C THR A 378 5.59 -3.27 11.19
N PHE A 379 6.89 -3.45 11.19
CA PHE A 379 7.73 -3.40 12.39
C PHE A 379 7.43 -2.16 13.22
N ILE A 380 7.26 -0.97 12.60
CA ILE A 380 7.11 0.25 13.41
C ILE A 380 5.88 0.30 14.25
N ALA A 381 4.84 -0.47 13.88
CA ALA A 381 3.70 -0.65 14.78
C ALA A 381 4.06 -1.28 16.10
N ASP A 382 4.82 -2.39 16.06
CA ASP A 382 5.27 -3.04 17.31
C ASP A 382 6.25 -2.20 18.00
N LEU A 383 7.08 -1.50 17.26
CA LEU A 383 8.13 -0.65 17.83
C LEU A 383 7.51 0.46 18.69
N VAL A 384 6.55 1.21 18.14
CA VAL A 384 6.02 2.40 18.89
C VAL A 384 5.33 1.98 20.21
N VAL A 385 4.68 0.81 20.17
CA VAL A 385 3.99 0.27 21.36
C VAL A 385 5.03 -0.26 22.40
N GLY A 386 6.04 -1.00 21.90
CA GLY A 386 7.13 -1.51 22.75
C GLY A 386 7.91 -0.39 23.42
N LEU A 387 8.16 0.69 22.66
CA LEU A 387 8.92 1.92 23.13
C LEU A 387 8.08 2.86 23.93
N CYS A 388 6.77 2.53 24.00
CA CYS A 388 5.77 3.28 24.77
C CYS A 388 5.82 4.74 24.50
N THR A 389 6.00 5.13 23.24
CA THR A 389 6.22 6.56 22.94
C THR A 389 4.96 7.46 22.88
N GLY A 390 3.78 6.92 22.56
CA GLY A 390 2.52 7.60 22.63
C GLY A 390 2.13 8.27 21.33
N GLN A 391 2.95 8.19 20.30
CA GLN A 391 2.69 8.94 19.05
C GLN A 391 3.45 8.31 17.89
N ILE A 392 2.74 8.09 16.78
CA ILE A 392 3.31 7.56 15.53
C ILE A 392 2.74 8.30 14.32
N LYS A 393 3.57 8.61 13.37
CA LYS A 393 3.03 9.08 12.11
C LYS A 393 3.43 8.02 11.05
N THR A 394 2.46 7.43 10.35
CA THR A 394 2.74 6.40 9.36
C THR A 394 1.77 6.45 8.19
N GLY A 395 1.32 7.66 7.88
CA GLY A 395 0.64 8.02 6.59
C GLY A 395 -0.80 8.43 6.83
N ALA A 396 -1.37 8.97 5.76
CA ALA A 396 -2.82 9.08 5.63
C ALA A 396 -3.41 7.65 5.79
N PRO A 397 -4.73 7.57 6.09
CA PRO A 397 -5.35 6.25 6.19
C PRO A 397 -5.72 5.74 4.79
N CYS A 398 -4.72 5.69 3.92
CA CYS A 398 -4.85 5.48 2.47
C CYS A 398 -3.44 5.03 1.99
N ARG A 399 -3.45 3.98 1.18
CA ARG A 399 -2.27 3.31 0.55
C ARG A 399 -1.86 2.29 1.61
N SER A 400 -1.76 1.04 1.25
CA SER A 400 -1.70 0.02 2.33
C SER A 400 -0.26 -0.10 2.95
N GLU A 401 0.77 0.47 2.33
CA GLU A 401 2.04 0.64 3.03
C GLU A 401 1.83 1.51 4.30
N ARG A 402 0.72 2.30 4.38
CA ARG A 402 0.35 2.98 5.61
C ARG A 402 -0.63 2.19 6.44
N LEU A 403 -1.74 1.80 5.79
CA LEU A 403 -2.65 0.89 6.51
C LEU A 403 -2.11 -0.37 7.09
N ALA A 404 -1.08 -0.93 6.47
CA ALA A 404 -0.52 -2.14 7.12
C ALA A 404 -0.06 -1.90 8.57
N LYS A 405 0.51 -0.74 8.81
CA LYS A 405 0.90 -0.36 10.19
C LYS A 405 -0.32 -0.09 11.08
N TYR A 406 -1.26 0.71 10.55
CA TYR A 406 -2.43 1.08 11.35
C TYR A 406 -3.26 -0.17 11.74
N ASN A 407 -3.37 -1.08 10.75
CA ASN A 407 -4.08 -2.32 11.00
C ASN A 407 -3.39 -3.16 12.08
N GLN A 408 -2.07 -3.27 11.95
CA GLN A 408 -1.30 -3.96 12.98
C GLN A 408 -1.44 -3.29 14.38
N LEU A 409 -1.45 -1.97 14.44
CA LEU A 409 -1.76 -1.30 15.71
C LEU A 409 -3.15 -1.70 16.26
N MET A 410 -4.14 -1.78 15.37
CA MET A 410 -5.40 -2.35 15.87
C MET A 410 -5.34 -3.79 16.40
N ARG A 411 -4.59 -4.66 15.73
CA ARG A 411 -4.45 -6.02 16.23
C ARG A 411 -3.70 -6.08 17.56
N ILE A 412 -2.73 -5.19 17.78
CA ILE A 412 -1.97 -5.18 19.02
C ILE A 412 -2.94 -4.71 20.11
N GLU A 413 -3.70 -3.65 19.87
CA GLU A 413 -4.70 -3.24 20.84
C GLU A 413 -5.65 -4.38 21.26
N GLU A 414 -6.12 -5.17 20.28
CA GLU A 414 -6.96 -6.34 20.51
C GLU A 414 -6.24 -7.33 21.39
N GLU A 415 -4.94 -7.48 21.16
CA GLU A 415 -4.15 -8.49 21.84
C GLU A 415 -3.95 -8.14 23.30
N LEU A 416 -3.79 -6.83 23.53
CA LEU A 416 -3.55 -6.35 24.90
C LEU A 416 -4.82 -6.34 25.77
N GLY A 417 -5.97 -6.13 25.13
CA GLY A 417 -7.27 -6.34 25.74
C GLY A 417 -7.58 -5.23 26.70
N ASP A 418 -8.10 -5.57 27.88
CA ASP A 418 -8.23 -4.58 28.96
C ASP A 418 -6.88 -4.13 29.53
N GLU A 419 -5.76 -4.59 28.97
CA GLU A 419 -4.41 -4.12 29.34
C GLU A 419 -4.03 -2.95 28.41
N ALA A 420 -4.83 -2.73 27.37
CA ALA A 420 -4.54 -1.64 26.44
C ALA A 420 -4.87 -0.24 27.04
N ARG A 421 -3.90 0.68 27.03
CA ARG A 421 -4.13 2.11 27.41
C ARG A 421 -3.67 2.97 26.21
N PHE A 422 -4.56 3.85 25.78
CA PHE A 422 -4.33 4.80 24.72
C PHE A 422 -3.76 6.06 25.29
N ALA A 423 -2.75 6.58 24.57
CA ALA A 423 -2.09 7.79 25.01
C ALA A 423 -2.93 9.06 25.04
N GLY A 424 -3.87 9.20 24.09
CA GLY A 424 -4.82 10.34 24.07
C GLY A 424 -4.16 11.71 24.18
N HIS A 425 -4.63 12.49 25.17
CA HIS A 425 -4.10 13.80 25.34
C HIS A 425 -2.69 13.81 25.93
N ASN A 426 -2.27 12.68 26.46
CA ASN A 426 -0.89 12.51 26.93
C ASN A 426 0.08 11.94 25.86
N PHE A 427 -0.25 12.13 24.58
CA PHE A 427 0.69 11.74 23.47
C PHE A 427 2.14 12.20 23.66
N ARG A 428 2.36 13.44 24.09
CA ARG A 428 3.72 13.89 24.35
C ARG A 428 4.45 13.15 25.48
N ASN A 429 3.69 12.63 26.45
CA ASN A 429 4.13 12.20 27.79
C ASN A 429 3.30 11.01 28.34
N PRO A 430 3.26 9.84 27.66
CA PRO A 430 2.30 8.87 28.20
C PRO A 430 2.73 8.08 29.41
N SER A 431 3.93 8.33 29.92
CA SER A 431 4.39 7.53 31.07
C SER A 431 3.44 7.74 32.26
N VAL A 432 2.67 8.84 32.23
CA VAL A 432 1.73 9.22 33.33
C VAL A 432 0.45 8.43 33.54
N LEU A 433 0.09 7.59 32.56
CA LEU A 433 -1.11 6.78 32.62
C LEU A 433 -0.81 5.42 33.30
N SER B 1 -8.40 -30.13 12.14
CA SER B 1 -9.61 -29.34 12.36
C SER B 1 -9.21 -27.91 12.72
N ILE B 2 -10.21 -27.05 12.61
CA ILE B 2 -10.12 -25.68 12.96
C ILE B 2 -10.30 -25.61 14.48
N GLU B 3 -9.37 -24.85 15.08
CA GLU B 3 -9.34 -24.54 16.53
C GLU B 3 -10.15 -23.25 16.87
N LYS B 4 -9.95 -22.18 16.11
CA LYS B 4 -10.62 -20.92 16.38
C LYS B 4 -10.71 -20.09 15.13
N ILE B 5 -11.80 -19.34 14.96
CA ILE B 5 -11.89 -18.36 13.91
C ILE B 5 -12.22 -17.03 14.54
N TRP B 6 -11.56 -15.98 14.10
CA TRP B 6 -11.87 -14.70 14.68
C TRP B 6 -11.69 -13.62 13.64
N ALA B 7 -12.80 -12.97 13.36
CA ALA B 7 -12.80 -11.89 12.38
C ALA B 7 -12.73 -10.52 13.06
N ARG B 8 -12.20 -9.54 12.34
CA ARG B 8 -12.26 -8.15 12.69
C ARG B 8 -12.38 -7.26 11.46
N GLU B 9 -12.62 -5.97 11.71
CA GLU B 9 -12.65 -4.84 10.77
C GLU B 9 -11.23 -4.23 10.66
N ILE B 10 -10.62 -4.35 9.49
CA ILE B 10 -9.39 -3.56 9.21
C ILE B 10 -9.75 -2.50 8.16
N LEU B 11 -8.83 -1.59 7.79
CA LEU B 11 -9.03 -0.67 6.66
C LEU B 11 -8.28 -1.07 5.39
N ASP B 12 -8.94 -0.89 4.25
CA ASP B 12 -8.41 -1.17 2.92
C ASP B 12 -7.67 0.09 2.42
N SER B 13 -7.17 0.00 1.22
CA SER B 13 -6.23 0.93 0.70
C SER B 13 -6.78 2.27 0.40
N ARG B 14 -8.11 2.41 0.48
CA ARG B 14 -8.78 3.67 0.27
C ARG B 14 -9.28 4.21 1.65
N GLY B 15 -9.05 3.44 2.74
CA GLY B 15 -9.48 3.95 4.03
C GLY B 15 -10.86 3.47 4.45
N ASN B 16 -11.37 2.47 3.77
CA ASN B 16 -12.70 1.92 4.10
C ASN B 16 -12.58 0.59 4.80
N PRO B 17 -13.54 0.33 5.72
CA PRO B 17 -13.51 -0.92 6.43
C PRO B 17 -13.66 -2.14 5.51
N THR B 18 -12.99 -3.23 5.87
CA THR B 18 -13.16 -4.52 5.23
C THR B 18 -12.91 -5.65 6.19
N VAL B 19 -13.17 -6.89 5.80
CA VAL B 19 -13.10 -8.02 6.66
C VAL B 19 -11.73 -8.64 6.65
N GLU B 20 -11.21 -8.99 7.85
CA GLU B 20 -10.02 -9.83 7.99
C GLU B 20 -10.32 -11.02 8.94
N VAL B 21 -9.84 -12.20 8.63
CA VAL B 21 -10.12 -13.40 9.40
C VAL B 21 -8.77 -13.95 9.84
N ASP B 22 -8.70 -14.22 11.15
CA ASP B 22 -7.64 -15.11 11.67
C ASP B 22 -8.27 -16.47 11.89
N LEU B 23 -7.58 -17.50 11.40
CA LEU B 23 -7.91 -18.91 11.66
C LEU B 23 -6.73 -19.60 12.30
N TYR B 24 -7.03 -20.31 13.36
CA TYR B 24 -6.02 -21.02 14.09
C TYR B 24 -6.12 -22.51 13.83
N THR B 25 -5.00 -23.16 13.59
CA THR B 25 -5.03 -24.62 13.66
C THR B 25 -3.90 -25.05 14.54
N ALA B 26 -3.67 -26.35 14.58
CA ALA B 26 -2.56 -26.87 15.33
C ALA B 26 -1.25 -26.41 14.73
N LYS B 27 -1.30 -25.95 13.47
CA LYS B 27 -0.16 -25.42 12.75
C LYS B 27 0.01 -23.92 12.94
N GLY B 28 -0.98 -23.27 13.53
CA GLY B 28 -0.73 -21.93 13.98
C GLY B 28 -1.79 -21.01 13.48
N LEU B 29 -1.37 -19.78 13.19
CA LEU B 29 -2.26 -18.69 12.76
C LEU B 29 -2.18 -18.49 11.25
N PHE B 30 -3.33 -18.22 10.63
CA PHE B 30 -3.42 -17.94 9.20
C PHE B 30 -4.39 -16.76 9.05
N ARG B 31 -3.96 -15.76 8.30
CA ARG B 31 -4.68 -14.53 8.26
C ARG B 31 -4.99 -14.18 6.83
N ALA B 32 -6.20 -13.67 6.62
CA ALA B 32 -6.56 -13.22 5.30
C ALA B 32 -7.46 -12.03 5.31
N ALA B 33 -7.45 -11.26 4.23
CA ALA B 33 -8.32 -10.06 4.15
C ALA B 33 -9.03 -9.98 2.81
N VAL B 34 -10.17 -9.28 2.78
CA VAL B 34 -11.06 -9.17 1.62
C VAL B 34 -10.96 -7.83 0.91
N PRO B 35 -10.81 -7.84 -0.44
CA PRO B 35 -10.74 -6.57 -1.19
C PRO B 35 -12.16 -6.00 -1.47
N SER B 36 -12.26 -4.85 -2.11
CA SER B 36 -13.55 -4.24 -2.39
C SER B 36 -13.42 -3.38 -3.61
N GLY B 37 -14.33 -3.60 -4.58
CA GLY B 37 -14.39 -2.83 -5.84
C GLY B 37 -15.09 -1.51 -5.72
N ALA B 38 -14.76 -0.59 -6.67
CA ALA B 38 -15.51 0.62 -6.91
C ALA B 38 -16.43 0.49 -8.13
N SER B 39 -15.82 0.14 -9.24
CA SER B 39 -16.64 -0.14 -10.39
C SER B 39 -17.22 -1.57 -10.32
N THR B 40 -18.19 -1.81 -9.41
CA THR B 40 -18.64 -3.20 -9.15
C THR B 40 -19.76 -3.54 -10.16
N GLY B 41 -19.70 -4.70 -10.79
CA GLY B 41 -20.81 -5.11 -11.69
C GLY B 41 -22.07 -5.44 -10.92
N ILE B 42 -23.19 -5.28 -11.61
CA ILE B 42 -24.49 -5.60 -10.91
C ILE B 42 -24.68 -7.05 -10.50
N TYR B 43 -23.93 -7.96 -11.09
CA TYR B 43 -24.10 -9.36 -10.83
C TYR B 43 -23.12 -9.93 -9.82
N GLU B 44 -22.25 -9.09 -9.25
CA GLU B 44 -21.26 -9.56 -8.23
C GLU B 44 -22.01 -10.04 -7.00
N ALA B 45 -21.46 -11.02 -6.33
CA ALA B 45 -21.98 -11.41 -5.04
C ALA B 45 -22.06 -10.24 -4.08
N LEU B 46 -22.98 -10.33 -3.11
CA LEU B 46 -23.20 -9.17 -2.26
C LEU B 46 -22.08 -8.89 -1.32
N GLU B 47 -21.74 -7.61 -1.27
CA GLU B 47 -20.76 -7.12 -0.29
C GLU B 47 -21.60 -6.47 0.77
N LEU B 48 -21.55 -7.06 1.98
CA LEU B 48 -22.47 -6.64 3.05
C LEU B 48 -21.81 -5.49 3.82
N ARG B 49 -22.43 -4.29 3.73
CA ARG B 49 -22.01 -3.12 4.46
C ARG B 49 -23.07 -2.87 5.53
N ASP B 50 -22.65 -2.21 6.60
CA ASP B 50 -23.60 -1.93 7.70
C ASP B 50 -24.64 -0.86 7.43
N GLY B 51 -24.24 0.13 6.64
CA GLY B 51 -25.06 1.30 6.27
C GLY B 51 -25.46 2.17 7.47
N ASP B 52 -24.61 2.27 8.47
CA ASP B 52 -24.88 3.13 9.58
C ASP B 52 -24.28 4.45 9.11
N LYS B 53 -25.15 5.38 8.73
CA LYS B 53 -24.66 6.55 8.01
C LYS B 53 -23.64 7.31 8.85
N GLN B 54 -23.68 7.14 10.17
CA GLN B 54 -22.89 7.94 11.10
C GLN B 54 -21.50 7.34 11.37
N ARG B 55 -21.35 6.08 10.95
CA ARG B 55 -20.10 5.33 11.22
C ARG B 55 -19.36 4.96 9.96
N TYR B 56 -18.18 5.55 9.71
CA TYR B 56 -17.49 5.24 8.48
C TYR B 56 -18.27 5.52 7.19
N LEU B 57 -19.13 6.53 7.25
CA LEU B 57 -19.95 6.93 6.10
C LEU B 57 -20.81 5.74 5.54
N GLY B 58 -21.29 4.89 6.46
CA GLY B 58 -22.18 3.69 6.15
C GLY B 58 -21.43 2.46 5.61
N LYS B 59 -20.09 2.51 5.64
CA LYS B 59 -19.18 1.44 5.10
C LYS B 59 -18.61 0.42 6.07
N GLY B 60 -19.10 0.44 7.32
CA GLY B 60 -18.64 -0.51 8.33
C GLY B 60 -18.93 -1.91 7.90
N VAL B 61 -18.13 -2.86 8.40
CA VAL B 61 -18.41 -4.25 8.15
C VAL B 61 -18.61 -5.03 9.41
N LEU B 62 -19.24 -4.38 10.39
CA LEU B 62 -19.50 -4.99 11.66
C LEU B 62 -20.43 -6.18 11.53
N LYS B 63 -21.38 -6.10 10.63
CA LYS B 63 -22.32 -7.23 10.42
C LYS B 63 -21.72 -8.44 9.79
N ALA B 64 -20.86 -8.25 8.77
CA ALA B 64 -20.12 -9.36 8.19
C ALA B 64 -19.19 -9.96 9.23
N VAL B 65 -18.52 -9.11 10.03
CA VAL B 65 -17.66 -9.66 11.09
C VAL B 65 -18.51 -10.53 12.02
N ASP B 66 -19.70 -10.06 12.44
CA ASP B 66 -20.50 -10.84 13.40
C ASP B 66 -20.98 -12.16 12.78
N HIS B 67 -21.30 -12.15 11.48
CA HIS B 67 -21.73 -13.45 10.92
C HIS B 67 -20.61 -14.50 10.99
N ILE B 68 -19.38 -14.05 10.83
CA ILE B 68 -18.27 -15.01 10.91
C ILE B 68 -18.12 -15.49 12.36
N ASN B 69 -17.96 -14.55 13.24
CA ASN B 69 -17.74 -14.81 14.66
C ASN B 69 -18.86 -15.55 15.38
N SER B 70 -20.11 -15.21 15.02
CA SER B 70 -21.25 -15.71 15.78
C SER B 70 -21.88 -16.94 15.14
N THR B 71 -21.62 -17.11 13.83
CA THR B 71 -22.36 -18.09 13.05
C THR B 71 -21.48 -19.07 12.27
N ILE B 72 -20.62 -18.55 11.40
CA ILE B 72 -19.76 -19.42 10.60
C ILE B 72 -18.73 -20.15 11.42
N ALA B 73 -17.96 -19.39 12.21
CA ALA B 73 -16.98 -19.88 13.16
C ALA B 73 -17.41 -21.13 13.93
N PRO B 74 -18.53 -21.07 14.68
CA PRO B 74 -18.83 -22.30 15.44
C PRO B 74 -19.33 -23.49 14.63
N ALA B 75 -20.05 -23.26 13.54
CA ALA B 75 -20.42 -24.33 12.62
C ALA B 75 -19.17 -25.04 12.07
N LEU B 76 -18.18 -24.28 11.59
CA LEU B 76 -17.05 -24.91 10.88
C LEU B 76 -16.20 -25.69 11.85
N ILE B 77 -16.06 -25.13 13.05
CA ILE B 77 -15.33 -25.79 14.11
C ILE B 77 -16.03 -27.12 14.50
N SER B 78 -17.34 -27.04 14.61
CA SER B 78 -18.14 -28.18 15.07
C SER B 78 -18.08 -29.33 14.07
N SER B 79 -17.96 -29.00 12.77
CA SER B 79 -17.87 -30.03 11.71
C SER B 79 -16.67 -30.93 11.89
N GLY B 80 -15.59 -30.39 12.48
CA GLY B 80 -14.31 -31.16 12.56
C GLY B 80 -13.63 -31.47 11.22
N LEU B 81 -14.22 -30.97 10.14
CA LEU B 81 -13.56 -30.98 8.84
C LEU B 81 -12.14 -30.38 8.86
N SER B 82 -11.22 -31.09 8.23
CA SER B 82 -9.84 -30.65 8.05
C SER B 82 -9.74 -29.44 7.15
N VAL B 83 -8.78 -28.56 7.42
CA VAL B 83 -8.62 -27.39 6.57
C VAL B 83 -8.12 -27.73 5.13
N VAL B 84 -7.65 -28.95 4.84
CA VAL B 84 -7.28 -29.38 3.49
C VAL B 84 -8.56 -29.53 2.62
N GLU B 85 -9.68 -29.69 3.30
CA GLU B 85 -10.94 -29.99 2.63
C GLU B 85 -11.58 -28.68 2.19
N GLN B 86 -10.90 -27.95 1.29
CA GLN B 86 -11.42 -26.66 0.87
C GLN B 86 -12.88 -26.70 0.36
N GLU B 87 -13.16 -27.65 -0.53
CA GLU B 87 -14.47 -27.69 -1.20
C GLU B 87 -15.58 -28.00 -0.18
N LYS B 88 -15.32 -28.97 0.70
CA LYS B 88 -16.26 -29.28 1.75
C LYS B 88 -16.59 -28.08 2.65
N LEU B 89 -15.54 -27.35 2.98
CA LEU B 89 -15.68 -26.24 3.90
C LEU B 89 -16.37 -25.04 3.25
N ASP B 90 -15.99 -24.74 2.01
CA ASP B 90 -16.61 -23.68 1.26
C ASP B 90 -18.11 -24.01 1.10
N ASN B 91 -18.42 -25.29 0.82
CA ASN B 91 -19.82 -25.66 0.48
C ASN B 91 -20.68 -25.56 1.72
N LEU B 92 -20.09 -25.81 2.90
CA LEU B 92 -20.88 -25.82 4.12
C LEU B 92 -21.27 -24.40 4.36
N MET B 93 -20.32 -23.52 4.10
CA MET B 93 -20.59 -22.09 4.27
C MET B 93 -21.65 -21.54 3.33
N LEU B 94 -21.57 -21.96 2.07
CA LEU B 94 -22.64 -21.60 1.12
C LEU B 94 -24.05 -22.04 1.55
N GLU B 95 -24.14 -23.24 2.11
CA GLU B 95 -25.42 -23.87 2.55
C GLU B 95 -25.91 -23.11 3.79
N LEU B 96 -24.98 -22.75 4.68
CA LEU B 96 -25.33 -22.03 5.88
C LEU B 96 -25.91 -20.65 5.52
N ASP B 97 -25.33 -20.01 4.51
CA ASP B 97 -25.87 -18.76 4.03
C ASP B 97 -27.25 -18.99 3.34
N GLY B 98 -27.41 -20.12 2.61
CA GLY B 98 -28.69 -20.45 1.95
C GLY B 98 -29.17 -19.48 0.84
N THR B 99 -28.35 -18.56 0.38
CA THR B 99 -28.77 -17.62 -0.71
C THR B 99 -27.84 -17.65 -1.91
N GLU B 100 -28.38 -17.55 -3.11
CA GLU B 100 -27.57 -17.63 -4.29
C GLU B 100 -26.47 -16.56 -4.31
N ASN B 101 -26.80 -15.33 -3.92
CA ASN B 101 -25.85 -14.23 -4.03
C ASN B 101 -25.07 -13.94 -2.76
N LYS B 102 -25.19 -14.82 -1.78
CA LYS B 102 -24.41 -14.66 -0.50
C LYS B 102 -24.89 -13.44 0.27
N SER B 103 -26.20 -13.16 0.19
CA SER B 103 -26.78 -12.00 0.81
C SER B 103 -27.17 -12.16 2.28
N LYS B 104 -27.07 -13.37 2.83
CA LYS B 104 -27.42 -13.59 4.23
C LYS B 104 -26.22 -13.21 5.09
N PHE B 105 -25.07 -13.72 4.72
CA PHE B 105 -23.80 -13.40 5.42
C PHE B 105 -22.97 -12.28 4.81
N GLY B 106 -23.10 -12.07 3.50
CA GLY B 106 -22.19 -11.22 2.71
C GLY B 106 -21.10 -12.08 2.12
N ALA B 107 -20.76 -11.80 0.88
CA ALA B 107 -19.68 -12.49 0.16
C ALA B 107 -18.32 -12.22 0.82
N ASN B 108 -18.22 -11.02 1.39
CA ASN B 108 -17.10 -10.62 2.20
C ASN B 108 -16.90 -11.42 3.45
N ALA B 109 -17.98 -11.84 4.14
CA ALA B 109 -17.94 -12.75 5.30
C ALA B 109 -17.41 -14.13 4.84
N ILE B 110 -18.03 -14.66 3.77
CA ILE B 110 -17.70 -16.02 3.42
C ILE B 110 -16.24 -16.06 2.88
N LEU B 111 -15.89 -15.07 2.06
CA LEU B 111 -14.57 -15.11 1.44
C LEU B 111 -13.44 -15.02 2.44
N GLY B 112 -13.59 -14.14 3.45
CA GLY B 112 -12.53 -14.01 4.48
C GLY B 112 -12.24 -15.37 5.07
N VAL B 113 -13.30 -16.09 5.42
CA VAL B 113 -13.03 -17.43 5.94
C VAL B 113 -12.40 -18.45 4.92
N SER B 114 -12.89 -18.42 3.69
CA SER B 114 -12.47 -19.27 2.63
C SER B 114 -10.96 -19.12 2.38
N LEU B 115 -10.55 -17.86 2.39
CA LEU B 115 -9.14 -17.51 2.12
C LEU B 115 -8.25 -18.02 3.27
N ALA B 116 -8.72 -17.81 4.50
CA ALA B 116 -7.92 -18.17 5.68
C ALA B 116 -7.85 -19.71 5.69
N VAL B 117 -8.96 -20.38 5.32
CA VAL B 117 -8.95 -21.82 5.26
C VAL B 117 -7.91 -22.35 4.31
N CYS B 118 -7.84 -21.71 3.11
CA CYS B 118 -6.94 -22.19 2.06
C CYS B 118 -5.46 -22.12 2.52
N LYS B 119 -5.12 -21.06 3.26
CA LYS B 119 -3.78 -20.86 3.73
C LYS B 119 -3.48 -21.91 4.82
N ALA B 120 -4.44 -22.16 5.71
CA ALA B 120 -4.31 -23.25 6.69
C ALA B 120 -4.14 -24.58 6.01
N GLY B 121 -4.87 -24.79 4.89
CA GLY B 121 -4.77 -26.04 4.19
C GLY B 121 -3.38 -26.35 3.66
N ALA B 122 -2.80 -25.31 3.07
CA ALA B 122 -1.47 -25.36 2.58
C ALA B 122 -0.53 -25.87 3.69
N ALA B 123 -0.61 -25.22 4.84
CA ALA B 123 0.25 -25.58 5.94
C ALA B 123 -0.01 -26.99 6.35
N GLU B 124 -1.27 -27.42 6.38
CA GLU B 124 -1.52 -28.75 6.85
C GLU B 124 -1.01 -29.77 5.81
N ARG B 125 -0.92 -29.37 4.53
CA ARG B 125 -0.31 -30.16 3.46
C ARG B 125 1.23 -30.01 3.43
N GLU B 126 1.76 -29.13 4.26
CA GLU B 126 3.20 -28.83 4.24
C GLU B 126 3.63 -28.52 2.81
N LEU B 127 2.91 -27.57 2.21
CA LEU B 127 3.24 -27.04 0.90
C LEU B 127 3.09 -25.52 0.96
N PRO B 128 3.83 -24.84 0.11
CA PRO B 128 3.53 -23.44 -0.06
C PRO B 128 2.15 -23.23 -0.66
N LEU B 129 1.58 -22.05 -0.40
CA LEU B 129 0.20 -21.80 -0.78
C LEU B 129 0.01 -21.95 -2.30
N TYR B 130 0.90 -21.39 -3.12
CA TYR B 130 0.70 -21.63 -4.59
C TYR B 130 0.64 -23.14 -5.01
N ARG B 131 1.36 -24.02 -4.27
CA ARG B 131 1.33 -25.46 -4.60
C ARG B 131 0.09 -26.11 -4.10
N HIS B 132 -0.35 -25.74 -2.91
CA HIS B 132 -1.65 -26.18 -2.44
C HIS B 132 -2.79 -25.83 -3.44
N ILE B 133 -2.81 -24.61 -3.97
CA ILE B 133 -3.86 -24.15 -4.88
C ILE B 133 -3.73 -24.98 -6.15
N ALA B 134 -2.49 -25.20 -6.61
CA ALA B 134 -2.25 -26.01 -7.80
C ALA B 134 -2.93 -27.37 -7.66
N GLN B 135 -2.68 -28.01 -6.53
CA GLN B 135 -3.28 -29.33 -6.32
C GLN B 135 -4.84 -29.28 -6.20
N LEU B 136 -5.35 -28.26 -5.51
CA LEU B 136 -6.81 -27.95 -5.46
C LEU B 136 -7.40 -27.79 -6.84
N ALA B 137 -6.57 -27.35 -7.78
CA ALA B 137 -7.04 -27.13 -9.16
C ALA B 137 -6.68 -28.22 -10.14
N GLY B 138 -5.84 -29.16 -9.69
CA GLY B 138 -5.44 -30.32 -10.48
C GLY B 138 -4.36 -29.98 -11.45
N ASN B 139 -3.51 -29.00 -11.09
CA ASN B 139 -2.43 -28.58 -11.98
C ASN B 139 -1.15 -29.17 -11.49
N SER B 140 -0.27 -29.54 -12.41
CA SER B 140 0.95 -30.34 -12.13
C SER B 140 2.14 -29.59 -12.67
N ASP B 141 1.90 -28.30 -12.97
CA ASP B 141 2.88 -27.38 -13.50
C ASP B 141 2.54 -26.02 -12.90
N LEU B 142 3.43 -25.04 -13.09
CA LEU B 142 3.29 -23.72 -12.49
C LEU B 142 3.88 -22.77 -13.46
N ILE B 143 3.43 -21.54 -13.46
CA ILE B 143 4.04 -20.54 -14.29
C ILE B 143 3.79 -19.17 -13.70
N LEU B 144 4.82 -18.35 -13.79
CA LEU B 144 4.72 -16.94 -13.40
C LEU B 144 3.99 -16.17 -14.52
N PRO B 145 3.08 -15.30 -14.14
CA PRO B 145 2.26 -14.53 -15.08
C PRO B 145 3.01 -13.32 -15.63
N VAL B 146 2.61 -12.79 -16.80
CA VAL B 146 2.96 -11.42 -17.16
C VAL B 146 2.05 -10.49 -16.30
N PRO B 147 2.66 -9.56 -15.58
CA PRO B 147 1.87 -8.60 -14.87
C PRO B 147 1.37 -7.48 -15.79
N ALA B 148 0.12 -7.07 -15.54
CA ALA B 148 -0.45 -5.91 -16.23
C ALA B 148 -0.65 -4.71 -15.31
N PHE B 149 0.15 -3.66 -15.55
CA PHE B 149 0.26 -2.50 -14.70
C PHE B 149 -0.62 -1.36 -15.16
N ASN B 150 -1.58 -1.00 -14.33
CA ASN B 150 -2.48 0.07 -14.60
C ASN B 150 -1.80 1.42 -14.36
N VAL B 151 -1.24 1.99 -15.43
CA VAL B 151 -0.37 3.19 -15.25
C VAL B 151 -1.08 4.51 -15.49
N ILE B 152 -2.17 4.49 -16.23
CA ILE B 152 -2.97 5.67 -16.44
C ILE B 152 -4.32 5.25 -15.97
N ASN B 153 -4.67 5.78 -14.77
CA ASN B 153 -5.90 5.45 -14.01
C ASN B 153 -7.04 6.37 -14.38
N GLY B 154 -8.24 5.82 -14.52
CA GLY B 154 -9.34 6.61 -15.13
C GLY B 154 -10.68 6.22 -14.56
N GLY B 155 -11.74 6.60 -15.27
CA GLY B 155 -13.18 6.16 -15.07
C GLY B 155 -14.26 6.99 -14.36
N SER B 156 -15.26 6.28 -13.84
CA SER B 156 -16.32 6.90 -13.02
C SER B 156 -15.87 7.46 -11.69
N HIS B 157 -14.64 7.11 -11.27
CA HIS B 157 -14.13 7.54 -9.96
C HIS B 157 -12.86 8.28 -10.13
N ALA B 158 -12.74 8.92 -11.27
CA ALA B 158 -11.39 9.20 -11.63
C ALA B 158 -11.01 10.57 -11.30
N GLY B 159 -9.90 10.69 -10.57
CA GLY B 159 -9.51 12.02 -10.25
C GLY B 159 -9.42 12.88 -11.51
N ASN B 160 -10.35 12.73 -12.47
CA ASN B 160 -10.13 13.30 -13.84
C ASN B 160 -11.26 12.97 -14.80
N LYS B 161 -11.24 13.53 -16.03
CA LYS B 161 -12.33 13.34 -17.03
C LYS B 161 -12.26 12.15 -18.04
N LEU B 162 -11.24 11.34 -17.97
CA LEU B 162 -11.08 10.33 -19.01
C LEU B 162 -12.17 9.26 -18.76
N ALA B 163 -12.83 8.73 -19.78
CA ALA B 163 -14.01 7.83 -19.59
C ALA B 163 -13.59 6.39 -19.29
N MET B 164 -12.62 5.92 -20.03
CA MET B 164 -12.22 4.54 -19.89
C MET B 164 -11.37 4.41 -18.64
N GLN B 165 -11.51 3.31 -17.95
CA GLN B 165 -11.01 3.13 -16.60
C GLN B 165 -9.50 2.92 -16.52
N GLU B 166 -8.92 2.01 -17.34
CA GLU B 166 -7.51 1.58 -17.12
C GLU B 166 -6.74 1.44 -18.41
N PHE B 167 -5.50 1.84 -18.34
CA PHE B 167 -4.51 1.79 -19.45
C PHE B 167 -3.31 1.12 -18.82
N MET B 168 -3.09 -0.15 -19.19
CA MET B 168 -2.11 -1.03 -18.57
C MET B 168 -0.94 -1.28 -19.53
N ILE B 169 0.24 -1.42 -18.94
CA ILE B 169 1.37 -1.93 -19.71
C ILE B 169 1.69 -3.43 -19.28
N LEU B 170 2.05 -4.30 -20.25
CA LEU B 170 2.35 -5.73 -20.06
C LEU B 170 3.74 -6.12 -20.65
N PRO B 171 4.73 -6.41 -19.78
CA PRO B 171 6.07 -6.67 -20.27
C PRO B 171 6.21 -8.11 -20.75
N VAL B 172 5.52 -8.36 -21.84
CA VAL B 172 5.46 -9.68 -22.45
C VAL B 172 6.85 -10.12 -22.88
N GLY B 173 7.69 -9.17 -23.26
CA GLY B 173 9.07 -9.42 -23.72
C GLY B 173 10.14 -9.52 -22.65
N ALA B 174 9.76 -9.64 -21.38
CA ALA B 174 10.73 -9.58 -20.30
C ALA B 174 11.30 -10.98 -20.16
N GLU B 175 12.48 -11.06 -19.53
CA GLU B 175 13.19 -12.34 -19.34
C GLU B 175 12.68 -13.27 -18.22
N SER B 176 11.92 -12.71 -17.26
CA SER B 176 11.45 -13.43 -16.07
C SER B 176 10.45 -12.51 -15.39
N PHE B 177 9.88 -12.97 -14.30
CA PHE B 177 8.94 -12.11 -13.61
C PHE B 177 9.67 -10.94 -12.95
N ARG B 178 10.82 -11.26 -12.32
CA ARG B 178 11.57 -10.17 -11.71
C ARG B 178 11.99 -9.11 -12.76
N ASP B 179 12.39 -9.56 -13.97
CA ASP B 179 12.71 -8.61 -15.04
C ASP B 179 11.47 -7.77 -15.53
N ALA B 180 10.30 -8.42 -15.57
CA ALA B 180 9.02 -7.77 -15.92
C ALA B 180 8.71 -6.60 -14.94
N MET B 181 9.09 -6.82 -13.68
CA MET B 181 8.94 -5.77 -12.61
C MET B 181 9.86 -4.60 -12.84
N ARG B 182 11.09 -4.94 -13.27
CA ARG B 182 12.01 -3.88 -13.68
C ARG B 182 11.43 -3.02 -14.85
N LEU B 183 10.95 -3.68 -15.91
CA LEU B 183 10.52 -3.02 -17.12
C LEU B 183 9.29 -2.16 -16.76
N GLY B 184 8.34 -2.75 -15.99
CA GLY B 184 7.17 -1.98 -15.53
C GLY B 184 7.51 -0.75 -14.71
N ALA B 185 8.42 -0.91 -13.74
CA ALA B 185 8.77 0.20 -12.92
C ALA B 185 9.47 1.27 -13.69
N GLU B 186 10.37 0.82 -14.59
CA GLU B 186 11.08 1.82 -15.40
C GLU B 186 10.17 2.61 -16.33
N VAL B 187 9.23 1.92 -16.95
CA VAL B 187 8.32 2.64 -17.79
C VAL B 187 7.41 3.58 -16.94
N TYR B 188 6.94 3.12 -15.78
CA TYR B 188 6.19 3.95 -14.81
C TYR B 188 6.89 5.29 -14.46
N HIS B 189 8.17 5.19 -14.05
CA HIS B 189 8.93 6.38 -13.70
C HIS B 189 9.15 7.21 -14.96
N THR B 190 9.42 6.59 -16.13
CA THR B 190 9.51 7.41 -17.36
C THR B 190 8.19 8.14 -17.67
N LEU B 191 7.06 7.46 -17.47
CA LEU B 191 5.74 8.08 -17.78
C LEU B 191 5.47 9.28 -16.88
N LYS B 192 5.93 9.18 -15.62
CA LYS B 192 5.77 10.29 -14.70
C LYS B 192 6.39 11.55 -15.31
N GLY B 193 7.59 11.43 -15.82
CA GLY B 193 8.20 12.61 -16.40
C GLY B 193 7.64 13.06 -17.74
N VAL B 194 7.16 12.13 -18.55
CA VAL B 194 6.42 12.55 -19.75
C VAL B 194 5.16 13.39 -19.42
N ILE B 195 4.42 12.95 -18.41
CA ILE B 195 3.24 13.68 -17.93
C ILE B 195 3.61 15.06 -17.34
N LYS B 196 4.66 15.06 -16.49
CA LYS B 196 5.14 16.32 -15.91
C LYS B 196 5.53 17.29 -17.03
N ASP B 197 6.20 16.76 -18.08
CA ASP B 197 6.80 17.65 -19.11
C ASP B 197 5.66 18.26 -19.89
N LYS B 198 4.63 17.46 -20.14
CA LYS B 198 3.49 17.91 -20.94
C LYS B 198 2.42 18.69 -20.15
N TYR B 199 2.06 18.21 -18.97
CA TYR B 199 0.89 18.67 -18.20
C TYR B 199 1.26 19.45 -16.92
N GLY B 200 2.53 19.43 -16.54
CA GLY B 200 2.94 20.08 -15.29
C GLY B 200 2.85 19.14 -14.10
N LYS B 201 3.53 19.54 -13.02
CA LYS B 201 3.63 18.71 -11.83
C LYS B 201 2.27 18.29 -11.27
N ASP B 202 1.25 19.16 -11.42
CA ASP B 202 -0.04 18.95 -10.77
C ASP B 202 -0.63 17.65 -11.24
N ALA B 203 -0.11 17.13 -12.34
CA ALA B 203 -0.74 16.01 -12.99
C ALA B 203 -0.05 14.72 -12.67
N THR B 204 0.93 14.77 -11.76
CA THR B 204 1.76 13.62 -11.43
C THR B 204 1.38 12.91 -10.14
N ASN B 205 0.27 13.33 -9.52
CA ASN B 205 -0.29 12.54 -8.43
C ASN B 205 -0.96 11.25 -8.86
N VAL B 206 -1.28 10.38 -7.91
CA VAL B 206 -1.76 9.07 -8.24
C VAL B 206 -3.20 8.77 -7.85
N GLY B 207 -3.78 7.88 -8.64
CA GLY B 207 -5.15 7.34 -8.40
C GLY B 207 -5.21 6.14 -7.46
N ASP B 208 -6.40 5.57 -7.29
CA ASP B 208 -6.60 4.50 -6.32
C ASP B 208 -5.64 3.32 -6.52
N GLU B 209 -5.28 3.07 -7.78
CA GLU B 209 -4.42 1.91 -8.16
C GLU B 209 -2.97 2.23 -8.41
N GLY B 210 -2.64 3.49 -8.13
CA GLY B 210 -1.30 4.01 -8.17
C GLY B 210 -0.80 4.58 -9.49
N GLY B 211 -1.71 4.68 -10.48
CA GLY B 211 -1.35 5.24 -11.77
C GLY B 211 -1.72 6.71 -11.79
N PHE B 212 -1.51 7.40 -12.90
CA PHE B 212 -1.84 8.81 -13.09
C PHE B 212 -3.17 9.16 -13.82
N ALA B 213 -3.73 10.32 -13.46
CA ALA B 213 -4.98 10.84 -14.06
C ALA B 213 -4.70 12.21 -14.58
N PRO B 214 -3.75 12.30 -15.51
CA PRO B 214 -3.51 13.60 -16.00
C PRO B 214 -4.89 14.06 -16.45
N ASN B 215 -5.05 15.35 -16.63
CA ASN B 215 -6.33 15.93 -16.96
C ASN B 215 -6.62 15.93 -18.47
N ILE B 216 -7.05 14.78 -19.02
CA ILE B 216 -7.36 14.65 -20.49
C ILE B 216 -8.77 14.07 -20.86
N LEU B 217 -9.29 14.33 -22.05
CA LEU B 217 -10.58 13.72 -22.35
C LEU B 217 -10.26 12.47 -23.11
N GLU B 218 -9.80 12.68 -24.35
CA GLU B 218 -9.43 11.66 -25.34
C GLU B 218 -8.67 10.43 -24.78
N ASN B 219 -9.28 9.24 -24.95
CA ASN B 219 -8.65 7.96 -24.48
C ASN B 219 -7.45 7.56 -25.38
N SER B 220 -7.47 8.11 -26.60
CA SER B 220 -6.37 8.01 -27.54
C SER B 220 -5.13 8.69 -26.97
N GLU B 221 -5.34 9.82 -26.28
CA GLU B 221 -4.24 10.58 -25.68
C GLU B 221 -3.64 9.79 -24.53
N ALA B 222 -4.45 8.99 -23.85
CA ALA B 222 -3.86 8.11 -22.81
C ALA B 222 -2.97 7.04 -23.43
N LEU B 223 -3.45 6.51 -24.54
CA LEU B 223 -2.67 5.49 -25.25
C LEU B 223 -1.39 6.09 -25.79
N GLU B 224 -1.46 7.32 -26.31
CA GLU B 224 -0.27 8.04 -26.87
C GLU B 224 0.79 8.29 -25.83
N LEU B 225 0.36 8.67 -24.62
CA LEU B 225 1.27 8.86 -23.45
C LEU B 225 1.95 7.54 -23.00
N VAL B 226 1.13 6.52 -22.93
CA VAL B 226 1.65 5.20 -22.61
C VAL B 226 2.66 4.76 -23.69
N LYS B 227 2.27 4.76 -24.95
CA LYS B 227 3.20 4.52 -26.08
C LYS B 227 4.50 5.37 -26.06
N GLU B 228 4.41 6.65 -25.77
CA GLU B 228 5.62 7.45 -25.57
C GLU B 228 6.51 7.00 -24.45
N ALA B 229 5.91 6.76 -23.29
CA ALA B 229 6.72 6.33 -22.15
C ALA B 229 7.45 5.03 -22.44
N ILE B 230 6.76 4.05 -23.06
CA ILE B 230 7.34 2.77 -23.40
C ILE B 230 8.56 2.94 -24.32
N ASP B 231 8.44 3.87 -25.28
CA ASP B 231 9.50 4.12 -26.28
C ASP B 231 10.66 4.91 -25.63
N LYS B 232 10.34 5.92 -24.82
CA LYS B 232 11.39 6.73 -24.13
C LYS B 232 12.21 5.82 -23.19
N ALA B 233 11.54 4.90 -22.51
CA ALA B 233 12.18 3.87 -21.67
C ALA B 233 13.04 2.85 -22.46
N GLY B 234 12.93 2.85 -23.78
CA GLY B 234 13.63 1.91 -24.63
C GLY B 234 13.09 0.48 -24.76
N TYR B 235 11.80 0.28 -24.48
CA TYR B 235 11.20 -1.03 -24.43
C TYR B 235 10.07 -1.29 -25.43
N THR B 236 10.06 -0.52 -26.50
CA THR B 236 9.10 -0.74 -27.60
C THR B 236 9.03 -2.21 -28.05
N GLU B 237 10.11 -2.94 -28.17
CA GLU B 237 9.94 -4.35 -28.55
C GLU B 237 9.42 -5.28 -27.47
N LYS B 238 9.29 -4.80 -26.23
CA LYS B 238 9.12 -5.73 -25.15
C LYS B 238 7.81 -5.56 -24.34
N ILE B 239 7.16 -4.41 -24.50
CA ILE B 239 5.95 -4.01 -23.70
C ILE B 239 4.76 -3.64 -24.58
N VAL B 240 3.60 -4.20 -24.26
CA VAL B 240 2.38 -3.96 -25.09
C VAL B 240 1.31 -3.42 -24.09
N ILE B 241 0.11 -3.12 -24.58
CA ILE B 241 -0.93 -2.39 -23.83
C ILE B 241 -2.20 -3.13 -23.72
N GLY B 242 -2.72 -3.18 -22.49
CA GLY B 242 -4.06 -3.65 -22.27
C GLY B 242 -4.95 -2.58 -21.71
N MET B 243 -6.27 -2.64 -21.98
CA MET B 243 -7.19 -1.62 -21.48
C MET B 243 -8.29 -2.28 -20.66
N ASP B 244 -8.81 -1.54 -19.68
CA ASP B 244 -10.11 -1.87 -19.06
C ASP B 244 -11.02 -0.69 -19.30
N VAL B 245 -12.01 -0.86 -20.13
CA VAL B 245 -12.87 0.21 -20.48
C VAL B 245 -13.83 0.40 -19.33
N ALA B 246 -14.27 -0.70 -18.73
CA ALA B 246 -15.39 -0.71 -17.70
C ALA B 246 -16.59 0.03 -18.31
N ALA B 247 -17.00 -0.42 -19.47
CA ALA B 247 -18.10 0.13 -20.16
C ALA B 247 -19.47 0.14 -19.37
N SER B 248 -19.69 -0.79 -18.44
CA SER B 248 -20.97 -0.68 -17.69
C SER B 248 -21.07 0.62 -16.91
N GLU B 249 -19.98 1.35 -16.73
CA GLU B 249 -19.94 2.57 -15.93
C GLU B 249 -20.41 3.79 -16.66
N PHE B 250 -20.39 3.75 -17.98
CA PHE B 250 -20.82 4.86 -18.79
C PHE B 250 -21.91 4.43 -19.82
N TYR B 251 -22.58 3.30 -19.59
CA TYR B 251 -23.79 2.89 -20.30
C TYR B 251 -24.96 3.80 -19.90
N ARG B 252 -25.55 4.43 -20.92
CA ARG B 252 -26.68 5.34 -20.73
C ARG B 252 -27.80 5.06 -21.69
N ASP B 253 -28.96 4.56 -21.23
CA ASP B 253 -30.11 4.43 -22.13
C ASP B 253 -29.89 3.67 -23.43
N GLY B 254 -29.09 2.58 -23.40
CA GLY B 254 -28.88 1.84 -24.61
C GLY B 254 -27.68 2.31 -25.40
N LYS B 255 -27.07 3.41 -24.98
CA LYS B 255 -25.87 3.86 -25.64
C LYS B 255 -24.75 4.08 -24.65
N TYR B 256 -23.74 4.82 -25.08
CA TYR B 256 -22.48 4.95 -24.33
C TYR B 256 -22.03 6.41 -24.39
N ASP B 257 -21.63 6.92 -23.24
CA ASP B 257 -21.30 8.34 -23.14
C ASP B 257 -19.82 8.45 -22.83
N LEU B 258 -19.03 8.88 -23.79
CA LEU B 258 -17.59 9.00 -23.47
C LEU B 258 -17.16 10.18 -22.50
N ASP B 259 -18.15 10.87 -21.91
CA ASP B 259 -17.91 11.87 -20.86
C ASP B 259 -18.79 11.89 -19.57
N PHE B 260 -19.74 10.99 -19.44
CA PHE B 260 -20.37 10.74 -18.13
C PHE B 260 -19.72 11.28 -16.80
N LYS B 261 -18.39 11.50 -16.74
CA LYS B 261 -17.76 12.19 -15.57
C LYS B 261 -17.96 13.71 -15.58
N SER B 262 -18.54 14.22 -16.65
CA SER B 262 -18.99 15.60 -16.67
C SER B 262 -20.47 15.71 -16.24
N PRO B 263 -20.98 16.95 -16.04
CA PRO B 263 -22.43 17.07 -15.80
C PRO B 263 -23.26 16.61 -17.00
N THR B 264 -24.29 15.79 -16.74
CA THR B 264 -25.10 15.10 -17.75
C THR B 264 -25.33 15.86 -19.05
N ASP B 265 -25.47 15.08 -20.14
CA ASP B 265 -25.61 15.57 -21.50
C ASP B 265 -25.90 14.37 -22.43
N PRO B 266 -27.20 14.10 -22.67
CA PRO B 266 -27.66 13.05 -23.60
C PRO B 266 -27.01 13.13 -24.96
N SER B 267 -26.56 14.34 -25.35
CA SER B 267 -26.09 14.57 -26.73
C SER B 267 -24.70 14.03 -27.09
N ARG B 268 -23.93 13.65 -26.08
CA ARG B 268 -22.57 13.17 -26.30
C ARG B 268 -22.50 11.63 -26.42
N TYR B 269 -23.65 10.97 -26.38
CA TYR B 269 -23.72 9.50 -26.40
C TYR B 269 -23.43 8.85 -27.76
N ILE B 270 -22.76 7.68 -27.81
CA ILE B 270 -22.58 6.92 -29.08
C ILE B 270 -23.10 5.46 -29.02
N THR B 271 -23.33 4.83 -30.17
CA THR B 271 -23.80 3.45 -30.18
C THR B 271 -22.65 2.46 -29.89
N GLY B 272 -22.99 1.22 -29.52
CA GLY B 272 -22.04 0.12 -29.41
C GLY B 272 -21.19 -0.03 -30.67
N ASP B 273 -21.78 0.14 -31.85
CA ASP B 273 -21.09 -0.08 -33.10
C ASP B 273 -20.04 1.05 -33.23
N GLN B 274 -20.39 2.27 -32.75
CA GLN B 274 -19.42 3.39 -32.81
C GLN B 274 -18.25 3.18 -31.87
N LEU B 275 -18.60 2.64 -30.71
CA LEU B 275 -17.65 2.27 -29.70
C LEU B 275 -16.69 1.19 -30.22
N GLY B 276 -17.26 0.11 -30.77
CA GLY B 276 -16.50 -0.92 -31.47
C GLY B 276 -15.56 -0.39 -32.53
N ALA B 277 -16.05 0.47 -33.41
CA ALA B 277 -15.16 1.04 -34.45
C ALA B 277 -13.96 1.82 -33.83
N LEU B 278 -14.20 2.53 -32.72
CA LEU B 278 -13.13 3.29 -32.02
C LEU B 278 -12.10 2.30 -31.56
N TYR B 279 -12.52 1.19 -30.94
CA TYR B 279 -11.57 0.18 -30.48
C TYR B 279 -10.74 -0.45 -31.66
N GLN B 280 -11.36 -0.67 -32.81
CA GLN B 280 -10.59 -1.16 -33.94
C GLN B 280 -9.46 -0.19 -34.25
N ASP B 281 -9.71 1.12 -34.18
CA ASP B 281 -8.69 2.09 -34.47
C ASP B 281 -7.59 1.99 -33.44
N PHE B 282 -7.97 1.85 -32.18
CA PHE B 282 -6.95 1.70 -31.14
C PHE B 282 -6.05 0.48 -31.37
N VAL B 283 -6.61 -0.58 -31.91
CA VAL B 283 -5.81 -1.81 -32.05
C VAL B 283 -4.89 -1.66 -33.26
N ARG B 284 -5.34 -0.90 -34.28
CA ARG B 284 -4.50 -0.67 -35.47
C ARG B 284 -3.37 0.28 -35.11
N ASP B 285 -3.67 1.30 -34.33
CA ASP B 285 -2.75 2.44 -34.14
C ASP B 285 -1.81 2.41 -32.95
N TYR B 286 -2.11 1.55 -31.98
CA TYR B 286 -1.38 1.29 -30.72
C TYR B 286 -1.19 -0.18 -30.49
N PRO B 287 -0.18 -0.56 -29.67
CA PRO B 287 0.06 -1.97 -29.36
C PRO B 287 -0.89 -2.51 -28.31
N VAL B 288 -2.20 -2.37 -28.58
CA VAL B 288 -3.27 -2.83 -27.70
C VAL B 288 -3.55 -4.30 -27.99
N VAL B 289 -3.32 -5.17 -26.99
CA VAL B 289 -3.47 -6.65 -27.16
C VAL B 289 -4.61 -7.28 -26.38
N SER B 290 -5.28 -6.43 -25.60
CA SER B 290 -6.31 -6.95 -24.68
C SER B 290 -7.20 -5.77 -24.36
N ILE B 291 -8.53 -5.98 -24.42
CA ILE B 291 -9.46 -4.97 -23.99
C ILE B 291 -10.47 -5.67 -23.05
N GLU B 292 -10.65 -5.08 -21.88
CA GLU B 292 -11.59 -5.63 -20.91
C GLU B 292 -12.87 -4.77 -20.82
N ASP B 293 -13.99 -5.46 -20.68
CA ASP B 293 -15.33 -4.87 -20.52
C ASP B 293 -15.53 -3.78 -21.60
N PRO B 294 -15.36 -4.14 -22.89
CA PRO B 294 -15.60 -3.14 -23.95
C PRO B 294 -17.05 -2.68 -24.05
N PHE B 295 -17.99 -3.48 -23.56
CA PHE B 295 -19.43 -3.08 -23.58
C PHE B 295 -20.03 -3.40 -22.21
N ASP B 296 -21.23 -2.90 -22.05
CA ASP B 296 -21.94 -3.19 -20.82
C ASP B 296 -22.17 -4.69 -20.52
N GLN B 297 -22.26 -4.97 -19.23
CA GLN B 297 -22.46 -6.28 -18.66
C GLN B 297 -23.70 -6.91 -19.20
N ASP B 298 -24.64 -6.15 -19.79
CA ASP B 298 -25.86 -6.80 -20.33
C ASP B 298 -25.94 -6.77 -21.85
N ASP B 299 -25.00 -6.06 -22.48
CA ASP B 299 -25.05 -5.84 -23.95
C ASP B 299 -24.37 -6.98 -24.69
N TRP B 300 -24.90 -8.17 -24.46
CA TRP B 300 -24.41 -9.33 -25.10
C TRP B 300 -24.12 -9.29 -26.61
N ALA B 301 -25.01 -8.63 -27.39
CA ALA B 301 -24.84 -8.54 -28.84
C ALA B 301 -23.56 -7.87 -29.23
N ALA B 302 -23.25 -6.78 -28.54
CA ALA B 302 -22.10 -6.00 -28.84
C ALA B 302 -20.85 -6.81 -28.61
N TRP B 303 -20.82 -7.59 -27.51
CA TRP B 303 -19.65 -8.43 -27.12
C TRP B 303 -19.35 -9.49 -28.18
N SER B 304 -20.38 -10.22 -28.57
CA SER B 304 -20.22 -11.33 -29.47
C SER B 304 -19.83 -10.82 -30.86
N LYS B 305 -20.38 -9.66 -31.31
CA LYS B 305 -19.98 -9.03 -32.60
C LYS B 305 -18.51 -8.59 -32.67
N PHE B 306 -18.16 -7.84 -31.63
CA PHE B 306 -16.82 -7.34 -31.47
C PHE B 306 -15.79 -8.46 -31.46
N THR B 307 -16.06 -9.51 -30.71
CA THR B 307 -15.09 -10.56 -30.37
C THR B 307 -14.88 -11.34 -31.66
N ALA B 308 -15.95 -11.49 -32.46
CA ALA B 308 -15.82 -12.24 -33.73
C ALA B 308 -15.06 -11.53 -34.84
N ASN B 309 -14.89 -10.20 -34.69
CA ASN B 309 -14.25 -9.24 -35.64
C ASN B 309 -12.82 -8.76 -35.29
N VAL B 310 -12.23 -9.41 -34.30
CA VAL B 310 -10.89 -9.08 -33.79
C VAL B 310 -10.10 -10.30 -33.43
N GLY B 311 -8.79 -10.08 -33.32
CA GLY B 311 -7.86 -11.15 -32.94
C GLY B 311 -7.32 -10.92 -31.54
N ILE B 312 -7.66 -9.79 -30.90
CA ILE B 312 -7.11 -9.50 -29.57
C ILE B 312 -7.80 -10.26 -28.46
N GLN B 313 -7.15 -10.23 -27.28
CA GLN B 313 -7.82 -10.73 -26.10
C GLN B 313 -9.00 -9.81 -25.66
N ILE B 314 -10.16 -10.41 -25.36
CA ILE B 314 -11.37 -9.69 -24.93
C ILE B 314 -11.70 -10.24 -23.58
N VAL B 315 -11.65 -9.39 -22.53
CA VAL B 315 -11.74 -9.92 -21.17
C VAL B 315 -13.11 -9.59 -20.60
N GLY B 316 -13.79 -10.59 -20.11
CA GLY B 316 -15.02 -10.35 -19.38
C GLY B 316 -14.63 -10.09 -17.92
N ASP B 317 -15.23 -9.04 -17.41
CA ASP B 317 -15.11 -8.72 -15.98
C ASP B 317 -16.54 -8.56 -15.37
N ASP B 318 -17.13 -7.37 -15.50
CA ASP B 318 -18.52 -7.20 -15.12
C ASP B 318 -19.44 -8.12 -15.90
N LEU B 319 -19.08 -8.49 -17.13
CA LEU B 319 -19.90 -9.48 -17.87
C LEU B 319 -20.09 -10.81 -17.15
N THR B 320 -18.98 -11.29 -16.55
CA THR B 320 -18.82 -12.68 -16.10
C THR B 320 -18.85 -12.88 -14.61
N VAL B 321 -18.45 -11.79 -13.89
CA VAL B 321 -18.38 -11.78 -12.39
C VAL B 321 -17.90 -13.07 -11.72
N THR B 322 -16.84 -13.65 -12.30
CA THR B 322 -16.25 -14.88 -11.81
C THR B 322 -17.32 -15.91 -11.45
N ASN B 323 -18.34 -15.98 -12.31
CA ASN B 323 -19.49 -16.77 -11.91
C ASN B 323 -19.76 -17.82 -12.99
N PRO B 324 -19.63 -19.11 -12.67
CA PRO B 324 -19.85 -20.21 -13.68
C PRO B 324 -21.18 -20.13 -14.50
N LYS B 325 -22.26 -19.67 -13.85
CA LYS B 325 -23.51 -19.43 -14.58
C LYS B 325 -23.39 -18.43 -15.73
N ARG B 326 -22.76 -17.29 -15.48
CA ARG B 326 -22.59 -16.29 -16.51
C ARG B 326 -21.51 -16.69 -17.52
N ILE B 327 -20.41 -17.25 -17.00
CA ILE B 327 -19.39 -17.80 -17.89
C ILE B 327 -19.93 -18.79 -18.95
N GLU B 328 -20.76 -19.73 -18.52
CA GLU B 328 -21.46 -20.65 -19.46
C GLU B 328 -22.16 -19.92 -20.60
N ARG B 329 -22.89 -18.85 -20.25
CA ARG B 329 -23.60 -18.04 -21.23
C ARG B 329 -22.62 -17.35 -22.16
N ALA B 330 -21.56 -16.82 -21.56
CA ALA B 330 -20.55 -16.17 -22.36
C ALA B 330 -19.82 -17.13 -23.27
N VAL B 331 -19.64 -18.37 -22.82
CA VAL B 331 -18.97 -19.37 -23.66
C VAL B 331 -19.92 -19.71 -24.85
N GLU B 332 -21.22 -19.92 -24.55
CA GLU B 332 -22.19 -20.32 -25.56
C GLU B 332 -22.26 -19.24 -26.64
N GLU B 333 -22.34 -17.96 -26.23
CA GLU B 333 -22.49 -16.85 -27.11
C GLU B 333 -21.18 -16.32 -27.69
N LYS B 334 -20.05 -16.95 -27.35
CA LYS B 334 -18.76 -16.42 -27.78
C LYS B 334 -18.60 -14.90 -27.55
N ALA B 335 -19.04 -14.45 -26.36
CA ALA B 335 -19.03 -13.02 -25.94
C ALA B 335 -17.60 -12.48 -25.72
N CYS B 336 -16.69 -13.38 -25.32
CA CYS B 336 -15.33 -12.91 -24.86
C CYS B 336 -14.40 -14.11 -24.90
N ASN B 337 -13.08 -13.96 -24.68
CA ASN B 337 -12.26 -15.16 -24.73
C ASN B 337 -11.29 -15.16 -23.55
N CYS B 338 -11.53 -14.29 -22.59
CA CYS B 338 -10.70 -14.28 -21.37
C CYS B 338 -11.56 -13.91 -20.22
N LEU B 339 -11.33 -14.59 -19.13
CA LEU B 339 -12.11 -14.30 -17.87
C LEU B 339 -11.23 -13.46 -16.92
N LEU B 340 -11.77 -12.39 -16.36
CA LEU B 340 -11.11 -11.72 -15.21
C LEU B 340 -11.48 -12.45 -13.91
N LEU B 341 -10.49 -12.92 -13.16
CA LEU B 341 -10.76 -13.82 -12.02
C LEU B 341 -10.69 -13.02 -10.69
N LYS B 342 -11.87 -12.75 -10.08
CA LYS B 342 -11.94 -11.94 -8.87
C LYS B 342 -12.60 -12.81 -7.84
N VAL B 343 -11.85 -13.35 -6.88
CA VAL B 343 -12.41 -14.15 -5.81
C VAL B 343 -13.62 -13.46 -5.14
N ASN B 344 -13.59 -12.15 -4.97
CA ASN B 344 -14.71 -11.54 -4.24
C ASN B 344 -15.94 -11.25 -5.12
N GLN B 345 -15.85 -11.51 -6.41
CA GLN B 345 -17.04 -11.29 -7.22
C GLN B 345 -17.95 -12.51 -6.98
N ILE B 346 -17.37 -13.63 -6.58
CA ILE B 346 -18.12 -14.88 -6.33
C ILE B 346 -18.18 -15.37 -4.89
N GLY B 347 -17.07 -15.20 -4.16
CA GLY B 347 -17.08 -15.24 -2.70
C GLY B 347 -16.54 -16.47 -2.04
N SER B 348 -15.96 -17.40 -2.78
CA SER B 348 -15.25 -18.53 -2.18
C SER B 348 -14.11 -18.89 -3.10
N VAL B 349 -13.06 -19.46 -2.51
CA VAL B 349 -11.91 -20.04 -3.24
C VAL B 349 -12.40 -21.11 -4.21
N THR B 350 -13.29 -21.93 -3.71
CA THR B 350 -13.76 -23.17 -4.43
C THR B 350 -14.47 -22.74 -5.75
N GLU B 351 -15.31 -21.71 -5.64
CA GLU B 351 -16.05 -21.25 -6.81
C GLU B 351 -15.14 -20.50 -7.76
N ALA B 352 -14.14 -19.79 -7.26
CA ALA B 352 -13.30 -19.07 -8.19
C ALA B 352 -12.44 -20.07 -8.95
N ILE B 353 -11.99 -21.09 -8.23
CA ILE B 353 -11.27 -22.15 -8.89
C ILE B 353 -12.09 -22.86 -9.98
N GLN B 354 -13.33 -23.22 -9.63
CA GLN B 354 -14.29 -23.76 -10.62
C GLN B 354 -14.50 -22.85 -11.81
N ALA B 355 -14.59 -21.54 -11.57
CA ALA B 355 -14.76 -20.58 -12.69
C ALA B 355 -13.51 -20.61 -13.57
N CYS B 356 -12.35 -20.72 -12.92
CA CYS B 356 -11.07 -20.64 -13.72
C CYS B 356 -10.98 -21.80 -14.66
N LYS B 357 -11.29 -22.94 -14.09
CA LYS B 357 -11.32 -24.21 -14.78
C LYS B 357 -12.26 -24.26 -15.97
N LEU B 358 -13.49 -23.83 -15.69
CA LEU B 358 -14.46 -23.65 -16.77
C LEU B 358 -13.98 -22.80 -17.93
N ALA B 359 -13.44 -21.61 -17.62
CA ALA B 359 -12.91 -20.78 -18.71
C ALA B 359 -11.85 -21.57 -19.48
N GLN B 360 -10.90 -22.11 -18.74
CA GLN B 360 -9.73 -22.80 -19.34
C GLN B 360 -10.15 -23.98 -20.19
N GLU B 361 -11.10 -24.80 -19.69
CA GLU B 361 -11.64 -26.00 -20.44
C GLU B 361 -12.17 -25.59 -21.79
N ASN B 362 -12.66 -24.35 -21.82
CA ASN B 362 -13.25 -23.78 -23.00
C ASN B 362 -12.35 -22.92 -23.90
N GLY B 363 -11.04 -22.93 -23.65
CA GLY B 363 -10.14 -22.30 -24.58
C GLY B 363 -9.96 -20.84 -24.26
N TRP B 364 -10.50 -20.38 -23.11
CA TRP B 364 -10.21 -19.03 -22.64
C TRP B 364 -8.89 -18.79 -21.90
N GLY B 365 -8.37 -17.58 -22.03
CA GLY B 365 -7.38 -17.06 -21.09
C GLY B 365 -8.04 -16.77 -19.72
N VAL B 366 -7.21 -16.54 -18.72
CA VAL B 366 -7.76 -16.05 -17.43
C VAL B 366 -6.71 -15.10 -16.90
N MET B 367 -7.19 -13.95 -16.51
CA MET B 367 -6.33 -12.94 -15.84
C MET B 367 -6.85 -12.77 -14.43
N VAL B 368 -6.01 -13.15 -13.45
CA VAL B 368 -6.30 -12.94 -12.05
C VAL B 368 -6.27 -11.45 -11.76
N SER B 369 -7.15 -11.01 -10.85
CA SER B 369 -7.24 -9.58 -10.63
C SER B 369 -7.45 -9.19 -9.13
N HIS B 370 -6.86 -8.07 -8.81
CA HIS B 370 -7.13 -7.34 -7.56
C HIS B 370 -8.51 -6.63 -7.68
N ARG B 371 -8.86 -5.93 -6.65
CA ARG B 371 -9.90 -4.88 -6.72
C ARG B 371 -9.26 -3.54 -6.50
N SER B 372 -9.93 -2.48 -6.90
CA SER B 372 -9.40 -1.19 -6.70
C SER B 372 -9.23 -0.79 -5.25
N GLY B 373 -9.99 -1.40 -4.33
CA GLY B 373 -9.73 -1.22 -2.90
C GLY B 373 -9.08 -2.50 -2.50
N GLU B 374 -7.81 -2.41 -2.17
CA GLU B 374 -7.08 -3.65 -1.82
C GLU B 374 -6.60 -3.64 -0.38
N THR B 375 -5.97 -4.71 0.01
CA THR B 375 -5.26 -4.75 1.31
C THR B 375 -3.85 -5.29 1.16
N GLU B 376 -3.15 -5.35 2.31
CA GLU B 376 -1.81 -5.98 2.46
C GLU B 376 -1.85 -7.51 2.13
N ASP B 377 -3.05 -8.09 1.90
CA ASP B 377 -3.17 -9.52 1.61
C ASP B 377 -2.48 -9.83 0.28
N THR B 378 -1.87 -10.99 0.16
CA THR B 378 -1.17 -11.26 -1.11
C THR B 378 -1.60 -12.60 -1.68
N PHE B 379 -2.75 -13.10 -1.21
CA PHE B 379 -3.37 -14.37 -1.74
C PHE B 379 -3.31 -14.49 -3.28
N ILE B 380 -3.67 -13.40 -3.97
CA ILE B 380 -3.83 -13.53 -5.41
C ILE B 380 -2.51 -13.76 -6.14
N ALA B 381 -1.39 -13.51 -5.46
CA ALA B 381 -0.07 -13.79 -6.05
C ALA B 381 0.12 -15.35 -6.08
N ASP B 382 -0.23 -16.06 -4.99
CA ASP B 382 -0.14 -17.48 -5.03
C ASP B 382 -1.23 -18.10 -5.93
N LEU B 383 -2.39 -17.44 -6.02
CA LEU B 383 -3.52 -18.01 -6.77
C LEU B 383 -3.16 -18.06 -8.27
N VAL B 384 -2.55 -17.03 -8.78
CA VAL B 384 -2.27 -16.96 -10.24
C VAL B 384 -1.22 -17.89 -10.68
N VAL B 385 -0.36 -18.25 -9.74
CA VAL B 385 0.71 -19.21 -10.07
C VAL B 385 0.14 -20.60 -9.99
N GLY B 386 -0.55 -20.83 -8.90
CA GLY B 386 -1.19 -22.13 -8.59
C GLY B 386 -2.18 -22.53 -9.72
N LEU B 387 -2.93 -21.54 -10.22
CA LEU B 387 -3.90 -21.72 -11.35
C LEU B 387 -3.22 -21.65 -12.75
N CYS B 388 -1.92 -21.29 -12.78
CA CYS B 388 -1.16 -21.21 -14.09
C CYS B 388 -1.85 -20.41 -15.16
N THR B 389 -2.35 -19.24 -14.80
CA THR B 389 -3.16 -18.58 -15.81
C THR B 389 -2.31 -17.67 -16.67
N GLY B 390 -1.09 -17.39 -16.30
CA GLY B 390 -0.27 -16.49 -17.16
C GLY B 390 -0.35 -15.00 -17.19
N GLN B 391 -1.34 -14.46 -16.50
CA GLN B 391 -1.54 -12.99 -16.49
C GLN B 391 -2.22 -12.62 -15.22
N ILE B 392 -1.76 -11.49 -14.69
CA ILE B 392 -2.35 -10.95 -13.48
C ILE B 392 -2.32 -9.44 -13.67
N LYS B 393 -3.41 -8.76 -13.26
CA LYS B 393 -3.39 -7.37 -13.01
C LYS B 393 -3.60 -7.07 -11.52
N THR B 394 -2.67 -6.32 -10.93
CA THR B 394 -2.81 -5.94 -9.53
C THR B 394 -2.19 -4.57 -9.19
N GLY B 395 -2.36 -3.64 -10.12
CA GLY B 395 -1.99 -2.24 -9.94
C GLY B 395 -0.79 -1.68 -10.71
N ALA B 396 -0.67 -0.35 -10.76
CA ALA B 396 0.66 0.28 -11.03
C ALA B 396 1.70 -0.28 -10.09
N PRO B 397 3.02 -0.12 -10.42
CA PRO B 397 4.06 -0.49 -9.47
C PRO B 397 4.23 0.65 -8.45
N CYS B 398 3.11 0.91 -7.75
CA CYS B 398 3.05 2.04 -6.84
C CYS B 398 1.88 1.77 -5.89
N ARG B 399 2.14 2.02 -4.63
CA ARG B 399 1.19 1.76 -3.49
C ARG B 399 1.31 0.27 -3.07
N SER B 400 1.58 -0.02 -1.79
CA SER B 400 2.04 -1.35 -1.48
C SER B 400 0.91 -2.36 -1.34
N GLU B 401 -0.35 -1.92 -1.41
CA GLU B 401 -1.38 -2.93 -1.64
C GLU B 401 -1.25 -3.55 -3.06
N ARG B 402 -0.48 -2.86 -3.90
CA ARG B 402 -0.14 -3.39 -5.26
C ARG B 402 1.19 -4.16 -5.22
N LEU B 403 2.21 -3.47 -4.75
CA LEU B 403 3.54 -4.10 -4.62
C LEU B 403 3.61 -5.28 -3.73
N ALA B 404 2.77 -5.33 -2.69
CA ALA B 404 2.80 -6.59 -1.91
C ALA B 404 2.55 -7.83 -2.74
N LYS B 405 1.63 -7.71 -3.71
CA LYS B 405 1.45 -8.85 -4.65
C LYS B 405 2.60 -9.07 -5.63
N TYR B 406 3.10 -8.00 -6.22
CA TYR B 406 4.24 -8.09 -7.11
C TYR B 406 5.46 -8.62 -6.39
N ASN B 407 5.68 -8.20 -5.14
CA ASN B 407 6.86 -8.67 -4.47
C ASN B 407 6.72 -10.15 -4.09
N GLN B 408 5.48 -10.59 -3.75
CA GLN B 408 5.25 -11.97 -3.48
C GLN B 408 5.50 -12.86 -4.76
N LEU B 409 5.03 -12.39 -5.91
CA LEU B 409 5.33 -13.07 -7.17
C LEU B 409 6.85 -13.19 -7.42
N MET B 410 7.62 -12.16 -7.05
CA MET B 410 9.06 -12.25 -7.20
C MET B 410 9.59 -13.30 -6.26
N ARG B 411 9.06 -13.39 -5.04
CA ARG B 411 9.47 -14.43 -4.09
C ARG B 411 9.13 -15.84 -4.54
N ILE B 412 7.93 -15.99 -5.16
CA ILE B 412 7.53 -17.29 -5.60
C ILE B 412 8.47 -17.71 -6.74
N GLU B 413 8.82 -16.80 -7.64
CA GLU B 413 9.80 -17.01 -8.70
C GLU B 413 11.18 -17.47 -8.20
N GLU B 414 11.71 -16.75 -7.22
CA GLU B 414 12.97 -17.12 -6.65
C GLU B 414 12.81 -18.48 -6.02
N GLU B 415 11.63 -18.74 -5.48
CA GLU B 415 11.44 -19.95 -4.72
C GLU B 415 11.49 -21.15 -5.66
N LEU B 416 10.93 -20.96 -6.86
CA LEU B 416 10.80 -22.09 -7.81
C LEU B 416 12.16 -22.46 -8.37
N GLY B 417 13.15 -21.61 -8.07
CA GLY B 417 14.51 -21.73 -8.63
C GLY B 417 14.52 -22.07 -10.11
N ASP B 418 15.28 -23.12 -10.44
CA ASP B 418 15.34 -23.74 -11.76
C ASP B 418 13.97 -24.02 -12.41
N GLU B 419 13.03 -24.58 -11.63
CA GLU B 419 11.63 -24.88 -12.05
C GLU B 419 10.81 -23.68 -12.63
N ALA B 420 11.23 -22.43 -12.37
CA ALA B 420 10.49 -21.24 -12.86
C ALA B 420 10.43 -20.99 -14.39
N ARG B 421 9.22 -21.01 -14.95
CA ARG B 421 8.99 -20.49 -16.32
C ARG B 421 8.12 -19.20 -16.23
N PHE B 422 8.20 -18.33 -17.23
CA PHE B 422 7.56 -17.02 -17.19
C PHE B 422 6.75 -16.92 -18.43
N ALA B 423 5.50 -16.43 -18.29
CA ALA B 423 4.55 -16.65 -19.41
C ALA B 423 4.99 -16.00 -20.67
N GLY B 424 5.47 -14.79 -20.52
CA GLY B 424 6.05 -14.01 -21.59
C GLY B 424 5.03 -13.82 -22.71
N HIS B 425 5.42 -14.17 -23.92
CA HIS B 425 4.60 -13.93 -25.07
C HIS B 425 3.46 -14.88 -25.22
N ASN B 426 3.46 -15.92 -24.43
CA ASN B 426 2.37 -16.86 -24.40
C ASN B 426 1.40 -16.53 -23.21
N PHE B 427 1.33 -15.28 -22.81
CA PHE B 427 0.47 -14.95 -21.65
C PHE B 427 -1.01 -15.37 -21.85
N ARG B 428 -1.45 -15.34 -23.10
CA ARG B 428 -2.83 -15.69 -23.43
C ARG B 428 -3.01 -17.19 -23.28
N ASN B 429 -2.02 -17.98 -23.67
CA ASN B 429 -2.24 -19.42 -23.56
C ASN B 429 -0.93 -20.07 -23.13
N PRO B 430 -0.63 -19.94 -21.83
CA PRO B 430 0.60 -20.43 -21.19
C PRO B 430 0.75 -21.95 -21.17
N SER B 431 -0.37 -22.64 -21.37
CA SER B 431 -0.36 -24.09 -21.25
C SER B 431 0.53 -24.79 -22.25
N VAL B 432 1.16 -24.03 -23.16
CA VAL B 432 2.18 -24.58 -24.08
C VAL B 432 3.60 -24.55 -23.50
MG MG C . 10.13 14.91 8.28
MG MG D . 12.24 14.04 5.20
C1 2PG E . 9.77 13.05 6.90
C2 2PG E . 9.47 11.79 6.15
C3 2PG E . 8.31 10.96 6.75
P 2PG E . 10.71 11.26 4.09
O1 2PG E . 10.41 14.04 6.34
O2 2PG E . 9.33 13.12 8.07
O3 2PG E . 7.03 11.29 6.24
O1P 2PG E . 9.39 11.97 4.72
O2P 2PG E . 10.64 11.57 2.63
O3P 2PG E . 11.84 12.03 4.72
O4P 2PG E . 10.70 9.79 4.41
C TRS F . 18.34 17.73 0.77
C1 TRS F . 18.04 18.73 1.90
C2 TRS F . 19.84 17.37 0.86
C3 TRS F . 18.13 18.34 -0.60
N TRS F . 17.40 16.56 0.90
O1 TRS F . 18.49 18.27 3.18
O2 TRS F . 20.07 16.01 0.59
O3 TRS F . 16.75 18.57 -0.84
MG MG G . -12.60 -4.35 -14.78
MG MG H . -14.97 -2.85 -11.89
C1 PEP I . -11.97 -3.61 -12.53
O1 PEP I . -13.07 -3.05 -12.85
O2' PEP I . -11.41 -4.51 -13.23
C2 PEP I . -11.26 -3.22 -11.25
C3 PEP I . -10.06 -3.75 -10.90
O2 PEP I . -11.80 -2.16 -10.54
P PEP I . -12.87 -2.37 -9.40
O1P PEP I . -12.26 -3.32 -8.41
O2P PEP I . -13.14 -0.93 -9.06
O3P PEP I . -14.06 -3.00 -10.08
#